data_8YJX
#
_entry.id   8YJX
#
_cell.length_a   119.867
_cell.length_b   119.867
_cell.length_c   274.058
_cell.angle_alpha   90.000
_cell.angle_beta   90.000
_cell.angle_gamma   120.000
#
_symmetry.space_group_name_H-M   'P 31 2 1'
#
loop_
_entity.id
_entity.type
_entity.pdbx_description
1 polymer 'Penicillin-binding protein 2'
2 non-polymer 'ZINC ION'
3 water water
#
_entity_poly.entity_id   1
_entity_poly.type   'polypeptide(L)'
_entity_poly.pdbx_seq_one_letter_code
;GSAKDPAIKTEFLPPVRGQITDRNGTLLAINDLGFSISIKPYLSIKKSNKGILDKELSELTNLFPDLNASKLAEIYKRND
SYYNQDFIKVVDFIPYDEIIPHYSELNLNKTIKIDPVVKRKYPFGKLASHIIGYVGKANLQDVQENEIAKLSNYTGKSGI
ERYYNDILQGEKGTRVYKVNALNQEVEQLSYTPAMSNDIELTIDIELQSYLTSLFEGNAGAAIIMNVNDGSILAAGSFPE
YDLNPFVTGISFKDWDELSNSLDHPFTNKLINGYYPPGSVVKMGVGLSFLNSKNISPSTQYVCNGSIELGGRFFRCWNRS
GHGPVDLKHAIKYSCDVYFYNGSLQVGIDQISETLSRIGFGAKTGVDLPSEFVGTLPSKEWKMQRYRQSWFQGDTLNTAI
GQGNFLATPMQIARYTAQIAKGGEVIPHFLKSIENNNTTIENQMDENKKEIFTLFEKSQLPYIRDAMYAVANEQGGTSYR
YLHNLNVKVAAKTGTAQVVGFSQTDKNRVDEKQFEYYTRSHAWLTSYAPYSKPKYVVTVLLEHGGRNITSGATVAKIYQK
MIELGYFK
;
_entity_poly.pdbx_strand_id   A,B
#
loop_
_chem_comp.id
_chem_comp.type
_chem_comp.name
_chem_comp.formula
ZN non-polymer 'ZINC ION' 'Zn 2'
#
# COMPACT_ATOMS: atom_id res chain seq x y z
N PRO A 6 -21.09 50.52 19.06
CA PRO A 6 -21.78 51.76 18.64
C PRO A 6 -22.18 51.66 17.16
N ALA A 7 -21.93 52.72 16.39
CA ALA A 7 -22.01 52.65 14.93
C ALA A 7 -20.65 52.79 14.28
N ILE A 8 -19.57 52.70 15.06
CA ILE A 8 -18.21 52.58 14.53
C ILE A 8 -17.85 51.09 14.51
N LYS A 9 -17.40 50.62 13.34
CA LYS A 9 -17.14 49.20 13.13
C LYS A 9 -15.88 49.06 12.29
N THR A 10 -15.15 47.96 12.51
CA THR A 10 -13.87 47.74 11.82
C THR A 10 -13.81 46.32 11.26
N GLU A 11 -13.40 46.20 9.99
CA GLU A 11 -13.30 44.93 9.29
C GLU A 11 -11.85 44.66 8.93
N PHE A 12 -11.54 43.39 8.68
CA PHE A 12 -10.18 42.93 8.38
C PHE A 12 -10.07 42.58 6.92
N LEU A 13 -9.03 43.09 6.26
CA LEU A 13 -8.85 42.82 4.85
C LEU A 13 -7.62 41.93 4.65
N PRO A 14 -7.77 40.71 4.14
CA PRO A 14 -6.59 39.86 3.86
C PRO A 14 -5.89 40.32 2.60
N PRO A 15 -4.57 40.16 2.51
CA PRO A 15 -3.83 40.71 1.38
C PRO A 15 -3.77 39.76 0.20
N VAL A 16 -3.30 40.31 -0.92
CA VAL A 16 -3.01 39.48 -2.07
C VAL A 16 -1.81 38.60 -1.76
N ARG A 17 -1.98 37.29 -1.91
CA ARG A 17 -0.89 36.35 -1.58
C ARG A 17 0.34 36.62 -2.43
N GLY A 18 1.52 36.53 -1.82
CA GLY A 18 2.72 36.98 -2.47
C GLY A 18 3.07 36.22 -3.74
N GLN A 19 3.89 36.86 -4.57
CA GLN A 19 4.35 36.28 -5.81
C GLN A 19 5.71 35.60 -5.61
N ILE A 20 5.99 34.63 -6.48
CA ILE A 20 7.22 33.85 -6.40
C ILE A 20 7.98 33.96 -7.72
N THR A 21 9.24 34.38 -7.62
CA THR A 21 10.09 34.61 -8.79
C THR A 21 11.32 33.71 -8.73
N ASP A 22 12.05 33.63 -9.84
CA ASP A 22 13.29 32.87 -9.91
C ASP A 22 14.48 33.82 -9.75
N ARG A 23 15.69 33.26 -9.74
CA ARG A 23 16.86 34.01 -9.31
C ARG A 23 17.03 35.31 -10.10
N ASN A 24 16.57 35.34 -11.35
CA ASN A 24 16.75 36.54 -12.15
C ASN A 24 15.43 37.28 -12.39
N GLY A 25 14.44 37.07 -11.54
CA GLY A 25 13.26 37.88 -11.52
C GLY A 25 12.04 37.31 -12.22
N THR A 26 12.21 36.26 -13.02
CA THR A 26 11.08 35.74 -13.79
C THR A 26 9.99 35.18 -12.88
N LEU A 27 8.75 35.38 -13.28
CA LEU A 27 7.60 35.19 -12.40
C LEU A 27 7.10 33.75 -12.41
N LEU A 28 7.14 33.09 -11.25
CA LEU A 28 6.78 31.68 -11.17
C LEU A 28 5.40 31.43 -10.58
N ALA A 29 4.90 32.31 -9.71
CA ALA A 29 3.55 32.20 -9.17
C ALA A 29 2.95 33.60 -9.11
N ILE A 30 1.87 33.83 -9.86
CA ILE A 30 1.23 35.13 -9.93
C ILE A 30 -0.23 35.01 -9.51
N ASN A 31 -0.86 36.16 -9.29
CA ASN A 31 -2.30 36.27 -9.09
C ASN A 31 -2.89 36.88 -10.35
N ASP A 32 -3.44 36.04 -11.21
CA ASP A 32 -4.08 36.53 -12.43
C ASP A 32 -5.29 37.35 -12.06
N LEU A 33 -5.45 38.49 -12.72
CA LEU A 33 -6.56 39.39 -12.46
C LEU A 33 -7.68 39.14 -13.46
N GLY A 34 -8.91 39.09 -12.94
CA GLY A 34 -10.04 38.80 -13.78
C GLY A 34 -11.32 39.19 -13.09
N PHE A 35 -12.43 38.77 -13.69
CA PHE A 35 -13.74 39.20 -13.24
C PHE A 35 -14.71 38.03 -13.25
N SER A 36 -15.70 38.09 -12.37
CA SER A 36 -16.82 37.16 -12.36
C SER A 36 -18.07 37.86 -12.88
N ILE A 37 -18.82 37.19 -13.75
CA ILE A 37 -20.06 37.72 -14.29
C ILE A 37 -21.22 37.07 -13.57
N SER A 38 -22.16 37.90 -13.09
CA SER A 38 -23.33 37.47 -12.35
C SER A 38 -24.58 38.05 -12.99
N ILE A 39 -25.69 37.31 -12.89
CA ILE A 39 -26.95 37.61 -13.57
C ILE A 39 -28.00 38.04 -12.54
N LYS A 40 -28.85 38.98 -12.91
CA LYS A 40 -29.93 39.39 -12.02
C LYS A 40 -30.92 38.24 -11.80
N PRO A 41 -31.49 38.12 -10.60
CA PRO A 41 -32.31 36.95 -10.29
C PRO A 41 -33.72 37.03 -10.86
N TYR A 42 -34.41 35.90 -10.75
CA TYR A 42 -35.84 35.67 -11.03
C TYR A 42 -36.18 35.47 -12.51
N LEU A 43 -35.18 35.36 -13.40
CA LEU A 43 -35.45 35.34 -14.83
C LEU A 43 -35.98 34.01 -15.34
N SER A 44 -35.94 32.95 -14.53
CA SER A 44 -36.59 31.69 -14.86
C SER A 44 -37.68 31.30 -13.86
N ILE A 45 -37.76 31.98 -12.73
CA ILE A 45 -38.75 31.65 -11.71
C ILE A 45 -40.06 32.42 -11.86
N LYS A 46 -40.02 33.60 -12.49
CA LYS A 46 -41.19 34.47 -12.63
C LYS A 46 -41.62 34.55 -14.08
N LYS A 47 -42.94 34.39 -14.32
CA LYS A 47 -43.46 34.36 -15.68
C LYS A 47 -43.31 35.70 -16.40
N SER A 48 -43.21 36.79 -15.64
CA SER A 48 -43.11 38.11 -16.25
C SER A 48 -41.95 38.18 -17.22
N ASN A 49 -40.80 37.64 -16.81
CA ASN A 49 -39.56 37.78 -17.56
C ASN A 49 -39.23 36.51 -18.33
N LYS A 50 -40.13 36.19 -19.27
CA LYS A 50 -39.91 35.08 -20.19
C LYS A 50 -38.89 35.47 -21.25
N GLY A 51 -37.95 34.55 -21.51
CA GLY A 51 -36.94 34.77 -22.54
C GLY A 51 -35.91 35.83 -22.21
N ILE A 52 -35.79 36.22 -20.94
CA ILE A 52 -34.93 37.34 -20.61
C ILE A 52 -33.47 36.90 -20.46
N LEU A 53 -33.24 35.73 -19.84
CA LEU A 53 -31.86 35.25 -19.66
C LEU A 53 -31.30 34.71 -20.97
N ASP A 54 -32.16 34.17 -21.84
CA ASP A 54 -31.74 33.76 -23.17
C ASP A 54 -31.18 34.94 -23.94
N LYS A 55 -31.79 36.13 -23.77
CA LYS A 55 -31.34 37.31 -24.50
C LYS A 55 -29.95 37.75 -24.05
N GLU A 56 -29.80 38.17 -22.79
CA GLU A 56 -28.53 38.74 -22.34
C GLU A 56 -27.37 37.76 -22.45
N LEU A 57 -27.66 36.45 -22.55
CA LEU A 57 -26.61 35.46 -22.74
C LEU A 57 -26.12 35.44 -24.18
N SER A 58 -27.04 35.57 -25.15
CA SER A 58 -26.63 35.57 -26.56
C SER A 58 -25.74 36.75 -26.87
N GLU A 59 -26.03 37.91 -26.29
CA GLU A 59 -25.10 39.03 -26.35
C GLU A 59 -23.77 38.67 -25.70
N LEU A 60 -23.81 37.91 -24.60
CA LEU A 60 -22.58 37.49 -23.93
C LEU A 60 -21.78 36.52 -24.78
N THR A 61 -22.42 35.42 -25.18
CA THR A 61 -21.73 34.41 -26.00
C THR A 61 -21.10 35.05 -27.22
N ASN A 62 -21.77 36.04 -27.81
CA ASN A 62 -21.21 36.74 -28.95
C ASN A 62 -19.96 37.53 -28.56
N LEU A 63 -19.84 37.93 -27.29
CA LEU A 63 -18.74 38.77 -26.84
C LEU A 63 -17.53 37.96 -26.40
N PHE A 64 -17.75 36.86 -25.68
CA PHE A 64 -16.72 35.89 -25.35
C PHE A 64 -17.24 34.53 -25.79
N PRO A 65 -16.82 34.03 -26.96
CA PRO A 65 -17.35 32.75 -27.45
C PRO A 65 -16.73 31.54 -26.78
N ASP A 66 -15.65 31.71 -26.03
CA ASP A 66 -15.16 30.62 -25.19
C ASP A 66 -16.19 30.21 -24.15
N LEU A 67 -17.06 31.14 -23.73
CA LEU A 67 -18.17 30.83 -22.85
C LEU A 67 -19.28 30.11 -23.63
N ASN A 68 -19.88 29.10 -23.00
CA ASN A 68 -20.90 28.25 -23.63
C ASN A 68 -22.27 28.56 -23.03
N ALA A 69 -23.13 29.22 -23.81
CA ALA A 69 -24.44 29.63 -23.30
C ALA A 69 -25.28 28.45 -22.85
N SER A 70 -25.01 27.25 -23.37
CA SER A 70 -25.77 26.06 -22.99
C SER A 70 -25.63 25.79 -21.50
N LYS A 71 -24.43 25.38 -21.06
CA LYS A 71 -24.24 25.04 -19.67
C LYS A 71 -24.45 26.25 -18.75
N LEU A 72 -24.23 27.46 -19.26
CA LEU A 72 -24.26 28.64 -18.39
C LEU A 72 -25.68 28.93 -17.90
N ALA A 73 -26.67 28.88 -18.80
CA ALA A 73 -28.04 29.02 -18.33
C ALA A 73 -28.50 27.81 -17.53
N GLU A 74 -27.76 26.71 -17.57
CA GLU A 74 -28.12 25.52 -16.79
C GLU A 74 -27.75 25.69 -15.33
N ILE A 75 -26.49 26.05 -15.07
CA ILE A 75 -26.06 26.36 -13.71
C ILE A 75 -26.89 27.51 -13.12
N TYR A 76 -27.52 28.32 -13.97
CA TYR A 76 -28.35 29.43 -13.49
C TYR A 76 -29.63 28.92 -12.85
N LYS A 77 -30.50 28.27 -13.62
CA LYS A 77 -31.84 27.90 -13.12
C LYS A 77 -31.78 26.96 -11.92
N ARG A 78 -30.61 26.33 -11.66
CA ARG A 78 -30.42 25.58 -10.43
C ARG A 78 -30.26 26.50 -9.23
N ASN A 79 -29.74 27.70 -9.44
CA ASN A 79 -29.59 28.67 -8.35
C ASN A 79 -30.72 29.68 -8.28
N ASP A 80 -31.52 29.83 -9.33
CA ASP A 80 -32.60 30.80 -9.31
C ASP A 80 -33.72 30.27 -8.43
N SER A 81 -33.91 30.92 -7.29
CA SER A 81 -34.96 30.54 -6.35
C SER A 81 -35.61 31.78 -5.74
N TYR A 82 -36.84 31.58 -5.27
CA TYR A 82 -37.52 32.62 -4.50
C TYR A 82 -36.82 32.88 -3.17
N TYR A 83 -36.29 31.85 -2.53
CA TYR A 83 -35.59 32.02 -1.26
C TYR A 83 -34.32 32.85 -1.37
N ASN A 84 -33.82 33.08 -2.58
CA ASN A 84 -32.59 33.84 -2.78
C ASN A 84 -32.89 35.06 -3.64
N GLN A 85 -32.29 36.20 -3.27
CA GLN A 85 -32.51 37.45 -3.96
C GLN A 85 -31.24 38.18 -4.35
N ASP A 86 -30.05 37.59 -4.13
CA ASP A 86 -28.82 38.16 -4.64
C ASP A 86 -28.74 37.98 -6.16
N PHE A 87 -27.62 38.41 -6.73
CA PHE A 87 -27.26 38.06 -8.09
C PHE A 87 -26.69 36.65 -8.15
N ILE A 88 -26.91 35.99 -9.30
CA ILE A 88 -26.61 34.57 -9.49
C ILE A 88 -25.29 34.46 -10.25
N LYS A 89 -24.20 34.17 -9.53
CA LYS A 89 -22.89 34.11 -10.18
C LYS A 89 -22.91 33.02 -11.24
N VAL A 90 -22.34 33.32 -12.40
CA VAL A 90 -22.38 32.36 -13.51
C VAL A 90 -20.97 32.06 -14.03
N VAL A 91 -20.26 33.09 -14.47
CA VAL A 91 -18.88 32.91 -14.91
C VAL A 91 -17.96 33.18 -13.72
N ASP A 92 -17.10 32.23 -13.42
CA ASP A 92 -16.26 32.35 -12.24
C ASP A 92 -15.13 33.34 -12.47
N PHE A 93 -14.54 33.35 -13.66
CA PHE A 93 -13.32 34.10 -13.93
C PHE A 93 -13.20 34.38 -15.43
N ILE A 94 -13.07 35.65 -15.80
CA ILE A 94 -12.72 36.06 -17.15
C ILE A 94 -11.49 36.93 -17.05
N PRO A 95 -10.44 36.69 -17.86
CA PRO A 95 -9.22 37.49 -17.77
C PRO A 95 -9.48 38.98 -17.98
N TYR A 96 -8.84 39.80 -17.14
CA TYR A 96 -8.96 41.25 -17.20
C TYR A 96 -8.78 41.77 -18.63
N ASP A 97 -7.71 41.35 -19.30
CA ASP A 97 -7.43 41.88 -20.64
C ASP A 97 -8.51 41.50 -21.64
N GLU A 98 -9.23 40.41 -21.40
CA GLU A 98 -10.28 40.03 -22.33
C GLU A 98 -11.58 40.77 -22.06
N ILE A 99 -11.64 41.56 -20.98
CA ILE A 99 -12.87 42.19 -20.53
C ILE A 99 -12.79 43.71 -20.56
N ILE A 100 -11.66 44.30 -20.19
CA ILE A 100 -11.60 45.75 -19.92
C ILE A 100 -11.93 46.59 -21.17
N PRO A 101 -11.77 46.10 -22.41
CA PRO A 101 -12.42 46.82 -23.52
C PRO A 101 -13.92 46.96 -23.33
N HIS A 102 -14.61 45.87 -23.00
CA HIS A 102 -16.06 45.84 -22.89
C HIS A 102 -16.55 46.18 -21.48
N TYR A 103 -15.76 46.88 -20.67
CA TYR A 103 -16.13 47.12 -19.28
C TYR A 103 -17.41 47.91 -19.21
N SER A 104 -17.33 49.21 -19.50
CA SER A 104 -18.43 50.16 -19.34
C SER A 104 -19.76 49.59 -19.83
N GLU A 105 -19.72 48.80 -20.91
CA GLU A 105 -20.93 48.18 -21.44
C GLU A 105 -21.49 47.12 -20.49
N LEU A 106 -20.66 46.47 -19.68
CA LEU A 106 -21.18 45.51 -18.73
C LEU A 106 -21.59 46.19 -17.42
N ASN A 107 -20.77 47.12 -16.94
CA ASN A 107 -21.06 47.84 -15.70
C ASN A 107 -22.36 48.61 -15.84
N LEU A 108 -22.51 49.37 -16.93
CA LEU A 108 -23.73 50.14 -17.19
C LEU A 108 -24.90 49.23 -17.57
N ASN A 109 -24.66 48.01 -18.04
CA ASN A 109 -25.74 47.02 -18.14
C ASN A 109 -26.16 46.63 -16.73
N LYS A 110 -27.43 46.87 -16.41
CA LYS A 110 -27.99 46.61 -15.09
C LYS A 110 -28.65 45.24 -14.99
N THR A 111 -28.35 44.32 -15.91
CA THR A 111 -28.68 42.92 -15.70
C THR A 111 -27.46 42.04 -15.43
N ILE A 112 -26.25 42.54 -15.71
CA ILE A 112 -25.00 41.83 -15.43
C ILE A 112 -24.25 42.62 -14.36
N LYS A 113 -23.86 41.93 -13.28
CA LYS A 113 -23.03 42.50 -12.23
C LYS A 113 -21.65 41.85 -12.28
N ILE A 114 -20.61 42.66 -12.44
CA ILE A 114 -19.24 42.17 -12.58
C ILE A 114 -18.40 42.58 -11.38
N ASP A 115 -17.78 41.60 -10.74
CA ASP A 115 -16.92 41.82 -9.58
C ASP A 115 -15.52 41.36 -9.91
N PRO A 116 -14.49 42.00 -9.36
CA PRO A 116 -13.12 41.52 -9.57
C PRO A 116 -12.78 40.31 -8.71
N VAL A 117 -11.99 39.42 -9.30
CA VAL A 117 -11.52 38.20 -8.66
C VAL A 117 -10.05 37.97 -9.01
N VAL A 118 -9.36 37.21 -8.17
CA VAL A 118 -7.94 36.90 -8.33
C VAL A 118 -7.77 35.38 -8.42
N LYS A 119 -7.11 34.90 -9.48
CA LYS A 119 -6.86 33.48 -9.69
C LYS A 119 -5.36 33.22 -9.59
N ARG A 120 -4.97 32.36 -8.65
CA ARG A 120 -3.57 31.93 -8.57
C ARG A 120 -3.19 31.14 -9.82
N LYS A 121 -2.16 31.60 -10.53
CA LYS A 121 -1.77 31.04 -11.81
C LYS A 121 -0.27 30.91 -11.84
N TYR A 122 0.20 29.71 -12.18
CA TYR A 122 1.62 29.46 -12.35
C TYR A 122 1.95 29.52 -13.83
N PRO A 123 2.63 30.55 -14.30
CA PRO A 123 2.83 30.75 -15.73
C PRO A 123 3.71 29.70 -16.39
N PHE A 124 4.41 28.86 -15.64
CA PHE A 124 5.25 27.85 -16.26
C PHE A 124 4.68 26.44 -16.16
N GLY A 125 3.41 26.30 -15.76
CA GLY A 125 2.74 25.02 -15.70
C GLY A 125 3.54 23.93 -15.03
N LYS A 126 4.04 23.01 -15.86
CA LYS A 126 4.72 21.81 -15.38
C LYS A 126 6.09 22.12 -14.75
N LEU A 127 6.89 22.94 -15.43
CA LEU A 127 8.20 23.37 -14.94
C LEU A 127 8.18 23.68 -13.44
N ALA A 128 9.05 23.02 -12.71
CA ALA A 128 9.37 23.23 -11.30
C ALA A 128 8.23 22.89 -10.36
N SER A 129 7.27 22.09 -10.83
CA SER A 129 6.06 21.83 -10.05
C SER A 129 6.32 21.27 -8.64
N HIS A 130 7.48 20.67 -8.40
CA HIS A 130 7.70 20.07 -7.10
C HIS A 130 8.33 21.04 -6.12
N ILE A 131 8.88 22.13 -6.62
CA ILE A 131 9.56 23.10 -5.78
C ILE A 131 8.53 24.15 -5.44
N ILE A 132 8.00 24.76 -6.51
CA ILE A 132 7.02 25.85 -6.39
C ILE A 132 5.83 25.39 -5.56
N GLY A 133 5.11 24.40 -6.04
CA GLY A 133 3.96 23.89 -5.34
C GLY A 133 2.67 24.46 -5.90
N TYR A 134 1.57 24.07 -5.26
CA TYR A 134 0.28 24.63 -5.58
C TYR A 134 -0.40 25.07 -4.29
N VAL A 135 -1.45 25.88 -4.46
CA VAL A 135 -2.27 26.37 -3.37
C VAL A 135 -3.61 25.62 -3.37
N GLY A 136 -4.31 25.70 -2.25
CA GLY A 136 -5.57 25.00 -2.13
C GLY A 136 -6.48 25.64 -1.11
N LYS A 137 -7.67 25.05 -0.98
CA LYS A 137 -8.66 25.52 -0.03
C LYS A 137 -8.15 25.37 1.40
N ALA A 138 -8.50 26.35 2.23
CA ALA A 138 -7.99 26.41 3.59
C ALA A 138 -8.44 25.21 4.41
N ASN A 139 -7.58 24.84 5.35
CA ASN A 139 -7.72 23.62 6.14
C ASN A 139 -8.44 23.91 7.45
N LEU A 140 -9.09 22.87 7.99
CA LEU A 140 -9.82 23.03 9.25
C LEU A 140 -8.90 23.30 10.42
N GLN A 141 -7.66 22.77 10.38
CA GLN A 141 -6.64 23.05 11.39
C GLN A 141 -5.69 24.16 10.98
N ASP A 142 -5.59 24.48 9.68
CA ASP A 142 -4.86 25.68 9.26
C ASP A 142 -5.55 26.95 9.71
N VAL A 143 -6.87 26.90 9.97
CA VAL A 143 -7.58 28.06 10.51
C VAL A 143 -7.26 28.24 11.99
N GLN A 144 -6.95 27.16 12.70
CA GLN A 144 -6.50 27.29 14.09
C GLN A 144 -5.13 27.94 14.16
N GLU A 145 -4.26 27.68 13.17
CA GLU A 145 -2.89 28.15 13.21
C GLU A 145 -2.74 29.58 12.70
N ASN A 146 -3.22 29.86 11.48
CA ASN A 146 -3.08 31.17 10.85
C ASN A 146 -4.47 31.76 10.59
N GLU A 147 -4.76 32.90 11.23
CA GLU A 147 -6.04 33.57 11.05
C GLU A 147 -6.15 34.29 9.72
N ILE A 148 -5.04 34.50 9.00
CA ILE A 148 -5.10 35.16 7.70
C ILE A 148 -5.67 34.24 6.63
N ALA A 149 -5.65 32.92 6.87
CA ALA A 149 -6.24 31.98 5.94
C ALA A 149 -7.73 31.85 6.15
N LYS A 150 -8.23 32.24 7.33
CA LYS A 150 -9.68 32.39 7.51
C LYS A 150 -10.25 33.33 6.47
N LEU A 151 -9.64 34.51 6.32
CA LEU A 151 -10.15 35.53 5.42
C LEU A 151 -9.82 35.26 3.97
N SER A 152 -8.92 34.34 3.66
CA SER A 152 -8.42 34.14 2.31
C SER A 152 -8.91 32.85 1.66
N ASN A 153 -8.83 31.74 2.40
CA ASN A 153 -9.21 30.40 1.94
C ASN A 153 -8.21 29.81 0.94
N TYR A 154 -7.26 30.60 0.45
CA TYR A 154 -6.06 30.05 -0.21
C TYR A 154 -4.99 29.84 0.84
N THR A 155 -4.40 28.65 0.84
CA THR A 155 -3.23 28.38 1.66
C THR A 155 -2.33 27.43 0.89
N GLY A 156 -1.03 27.48 1.20
CA GLY A 156 -0.08 26.66 0.44
C GLY A 156 -0.21 25.19 0.83
N LYS A 157 -0.40 24.33 -0.17
CA LYS A 157 -0.64 22.92 0.09
C LYS A 157 0.55 22.01 -0.27
N SER A 158 1.50 22.48 -1.08
CA SER A 158 2.75 21.76 -1.32
C SER A 158 3.86 22.74 -1.69
N GLY A 159 5.10 22.25 -1.63
CA GLY A 159 6.23 22.99 -2.19
C GLY A 159 6.64 24.20 -1.36
N ILE A 160 7.23 25.18 -2.05
CA ILE A 160 7.49 26.46 -1.41
C ILE A 160 6.19 27.04 -0.84
N GLU A 161 5.13 27.03 -1.66
CA GLU A 161 3.82 27.48 -1.22
C GLU A 161 3.48 26.95 0.16
N ARG A 162 3.68 25.65 0.38
CA ARG A 162 3.45 25.08 1.70
C ARG A 162 4.52 25.54 2.69
N TYR A 163 5.79 25.39 2.31
CA TYR A 163 6.87 25.61 3.28
C TYR A 163 6.86 27.05 3.76
N TYR A 164 6.77 28.00 2.84
CA TYR A 164 6.82 29.42 3.15
C TYR A 164 5.44 30.06 3.15
N ASN A 165 4.42 29.35 3.66
CA ASN A 165 3.06 29.87 3.62
C ASN A 165 2.91 31.11 4.49
N ASP A 166 3.52 31.11 5.68
CA ASP A 166 3.39 32.26 6.58
C ASP A 166 3.94 33.53 5.96
N ILE A 167 5.06 33.42 5.24
CA ILE A 167 5.63 34.60 4.58
C ILE A 167 4.76 35.05 3.41
N LEU A 168 4.14 34.10 2.70
CA LEU A 168 3.34 34.43 1.52
C LEU A 168 1.92 34.90 1.86
N GLN A 169 1.45 34.62 3.09
CA GLN A 169 0.16 35.12 3.52
C GLN A 169 0.17 36.65 3.67
N GLY A 170 1.23 37.19 4.23
CA GLY A 170 1.26 38.59 4.58
C GLY A 170 0.48 38.86 5.86
N GLU A 171 0.70 40.06 6.41
CA GLU A 171 -0.13 40.52 7.50
C GLU A 171 -1.45 41.04 6.95
N LYS A 172 -2.49 40.97 7.78
CA LYS A 172 -3.79 41.50 7.37
C LYS A 172 -3.77 43.02 7.38
N GLY A 173 -4.88 43.59 6.93
CA GLY A 173 -5.13 45.02 7.03
C GLY A 173 -6.46 45.27 7.71
N THR A 174 -6.62 46.47 8.26
CA THR A 174 -7.83 46.83 9.00
C THR A 174 -8.42 48.10 8.41
N ARG A 175 -9.75 48.16 8.38
CA ARG A 175 -10.49 49.34 7.92
C ARG A 175 -11.60 49.67 8.90
N VAL A 176 -11.62 50.90 9.37
CA VAL A 176 -12.63 51.39 10.30
C VAL A 176 -13.62 52.26 9.53
N TYR A 177 -14.91 52.15 9.86
CA TYR A 177 -15.89 53.03 9.25
C TYR A 177 -17.04 53.31 10.22
N LYS A 178 -17.95 54.18 9.81
CA LYS A 178 -19.15 54.52 10.57
C LYS A 178 -20.40 54.02 9.84
N VAL A 179 -21.28 53.34 10.57
CA VAL A 179 -22.58 52.93 10.05
C VAL A 179 -23.61 53.95 10.55
N ASN A 180 -24.90 53.69 10.29
CA ASN A 180 -25.93 54.50 10.95
C ASN A 180 -27.03 53.61 11.54
N ALA A 181 -28.29 54.03 11.42
CA ALA A 181 -29.40 53.30 12.01
C ALA A 181 -30.05 52.32 11.04
N LEU A 182 -29.75 52.41 9.75
CA LEU A 182 -30.12 51.40 8.78
C LEU A 182 -28.91 50.54 8.37
N ASN A 183 -27.78 50.73 9.05
CA ASN A 183 -26.55 49.98 8.82
C ASN A 183 -25.97 50.25 7.43
N GLN A 184 -25.32 51.41 7.26
CA GLN A 184 -24.86 51.84 5.95
C GLN A 184 -23.47 52.48 6.02
N GLU A 185 -22.69 52.31 4.94
CA GLU A 185 -21.36 52.87 4.77
C GLU A 185 -21.39 54.39 4.67
N VAL A 186 -21.42 55.07 5.81
CA VAL A 186 -21.59 56.52 5.88
C VAL A 186 -20.26 57.25 5.86
N GLU A 187 -19.32 56.87 6.72
CA GLU A 187 -18.01 57.50 6.77
C GLU A 187 -16.95 56.47 7.14
N GLN A 188 -15.85 56.47 6.39
CA GLN A 188 -14.65 55.72 6.78
C GLN A 188 -13.86 56.52 7.80
N LEU A 189 -13.38 55.85 8.84
CA LEU A 189 -12.63 56.52 9.91
C LEU A 189 -11.11 56.32 9.81
N SER A 190 -10.60 55.13 10.14
CA SER A 190 -9.18 54.79 9.97
C SER A 190 -9.03 53.63 8.99
N TYR A 191 -7.79 53.30 8.65
CA TYR A 191 -7.53 52.24 7.66
C TYR A 191 -6.06 51.88 7.49
N THR A 192 -5.58 50.81 8.15
CA THR A 192 -4.24 50.29 7.89
C THR A 192 -4.31 49.17 6.87
N PRO A 193 -3.64 49.28 5.72
CA PRO A 193 -3.82 48.30 4.66
C PRO A 193 -3.02 47.02 4.91
N ALA A 194 -3.56 45.92 4.41
CA ALA A 194 -2.81 44.67 4.43
C ALA A 194 -1.56 44.77 3.58
N MET A 195 -0.50 44.07 3.99
CA MET A 195 0.74 43.99 3.23
C MET A 195 1.06 42.52 2.93
N SER A 196 1.71 42.30 1.78
CA SER A 196 2.16 40.97 1.39
C SER A 196 3.58 41.06 0.83
N ASN A 197 4.27 39.92 0.88
CA ASN A 197 5.69 39.80 0.52
C ASN A 197 5.85 38.90 -0.70
N ASP A 198 6.85 39.21 -1.51
CA ASP A 198 7.23 38.34 -2.63
C ASP A 198 8.53 37.61 -2.28
N ILE A 199 8.66 36.38 -2.75
CA ILE A 199 9.93 35.68 -2.53
C ILE A 199 10.56 35.28 -3.85
N GLU A 200 11.87 35.23 -3.82
CA GLU A 200 12.72 34.93 -4.97
C GLU A 200 13.49 33.65 -4.66
N LEU A 201 13.34 32.64 -5.52
CA LEU A 201 14.04 31.39 -5.34
C LEU A 201 15.39 31.43 -6.06
N THR A 202 16.24 30.44 -5.76
CA THR A 202 17.57 30.38 -6.36
C THR A 202 17.56 29.79 -7.76
N ILE A 203 16.50 29.04 -8.08
CA ILE A 203 16.43 28.36 -9.36
C ILE A 203 16.45 29.37 -10.49
N ASP A 204 16.79 28.88 -11.67
CA ASP A 204 16.80 29.65 -12.91
C ASP A 204 15.84 28.94 -13.85
N ILE A 205 14.78 29.63 -14.23
CA ILE A 205 13.73 28.96 -14.98
C ILE A 205 14.23 28.46 -16.32
N GLU A 206 15.19 29.16 -16.94
CA GLU A 206 15.75 28.69 -18.19
C GLU A 206 16.44 27.33 -17.98
N LEU A 207 17.19 27.18 -16.89
CA LEU A 207 17.85 25.90 -16.62
C LEU A 207 16.85 24.85 -16.13
N GLN A 208 15.85 25.28 -15.36
CA GLN A 208 14.79 24.37 -14.98
C GLN A 208 14.10 23.80 -16.21
N SER A 209 13.87 24.61 -17.23
CA SER A 209 13.23 24.12 -18.44
C SER A 209 14.08 23.07 -19.13
N TYR A 210 15.39 23.35 -19.25
CA TYR A 210 16.26 22.45 -19.98
C TYR A 210 16.25 21.06 -19.36
N LEU A 211 16.30 21.00 -18.02
CA LEU A 211 16.16 19.71 -17.35
C LEU A 211 14.88 19.01 -17.77
N THR A 212 13.80 19.76 -17.89
CA THR A 212 12.51 19.10 -18.12
C THR A 212 12.49 18.48 -19.51
N SER A 213 13.10 19.16 -20.49
CA SER A 213 13.11 18.60 -21.85
C SER A 213 14.21 17.56 -22.05
N LEU A 214 15.33 17.66 -21.32
CA LEU A 214 16.22 16.51 -21.28
C LEU A 214 15.45 15.28 -20.84
N PHE A 215 14.87 15.34 -19.65
CA PHE A 215 14.09 14.25 -19.06
C PHE A 215 12.74 13.99 -19.74
N GLU A 216 12.34 14.72 -20.78
CA GLU A 216 11.01 14.46 -21.33
C GLU A 216 10.96 13.01 -21.81
N GLY A 217 9.97 12.26 -21.32
CA GLY A 217 9.86 10.85 -21.61
C GLY A 217 10.56 9.94 -20.60
N ASN A 218 11.49 10.46 -19.83
CA ASN A 218 12.22 9.69 -18.84
C ASN A 218 11.72 10.06 -17.44
N ALA A 219 12.30 9.43 -16.41
CA ALA A 219 11.92 9.67 -15.03
C ALA A 219 13.18 9.89 -14.21
N GLY A 220 12.99 10.24 -12.94
CA GLY A 220 14.13 10.51 -12.10
C GLY A 220 14.21 11.87 -11.43
N ALA A 221 15.43 12.42 -11.34
CA ALA A 221 15.70 13.53 -10.43
C ALA A 221 16.95 14.26 -10.90
N ALA A 222 17.08 15.52 -10.53
CA ALA A 222 18.27 16.27 -10.90
C ALA A 222 18.43 17.46 -9.96
N ILE A 223 19.67 17.85 -9.73
CA ILE A 223 19.98 18.95 -8.81
C ILE A 223 21.24 19.62 -9.29
N ILE A 224 21.18 20.93 -9.46
CA ILE A 224 22.36 21.73 -9.71
C ILE A 224 22.48 22.69 -8.54
N MET A 225 23.57 22.61 -7.80
CA MET A 225 23.66 23.31 -6.53
C MET A 225 25.03 23.95 -6.40
N ASN A 226 25.06 25.18 -5.89
CA ASN A 226 26.31 25.87 -5.58
C ASN A 226 26.97 25.20 -4.37
N VAL A 227 28.29 25.04 -4.41
CA VAL A 227 28.99 24.31 -3.37
C VAL A 227 29.38 25.19 -2.20
N ASN A 228 29.31 26.50 -2.35
CA ASN A 228 29.79 27.40 -1.32
C ASN A 228 28.70 27.75 -0.30
N ASP A 229 27.49 28.07 -0.78
CA ASP A 229 26.41 28.49 0.10
C ASP A 229 25.17 27.60 0.05
N GLY A 230 25.09 26.66 -0.89
CA GLY A 230 23.97 25.73 -0.96
C GLY A 230 22.85 26.13 -1.90
N SER A 231 22.95 27.28 -2.53
CA SER A 231 21.88 27.77 -3.38
C SER A 231 21.60 26.82 -4.54
N ILE A 232 20.39 26.29 -4.57
CA ILE A 232 19.98 25.35 -5.62
C ILE A 232 19.64 26.12 -6.89
N LEU A 233 20.53 26.06 -7.88
CA LEU A 233 20.32 26.75 -9.13
C LEU A 233 19.33 26.04 -10.04
N ALA A 234 19.10 24.75 -9.85
CA ALA A 234 18.00 24.09 -10.51
C ALA A 234 17.81 22.76 -9.83
N ALA A 235 16.60 22.22 -9.93
CA ALA A 235 16.32 20.94 -9.27
C ALA A 235 14.98 20.44 -9.73
N GLY A 236 14.94 19.23 -10.27
CA GLY A 236 13.69 18.65 -10.73
C GLY A 236 13.51 17.22 -10.26
N SER A 237 12.25 16.87 -10.06
CA SER A 237 11.80 15.49 -10.01
C SER A 237 11.05 15.23 -11.31
N PHE A 238 11.16 14.03 -11.86
CA PHE A 238 10.56 13.85 -13.16
C PHE A 238 9.78 12.55 -13.24
N PRO A 239 8.68 12.52 -13.99
CA PRO A 239 8.10 13.68 -14.69
C PRO A 239 7.39 14.66 -13.75
N GLU A 240 7.22 15.89 -14.20
CA GLU A 240 6.52 16.93 -13.45
C GLU A 240 5.08 17.07 -13.94
N TYR A 241 4.22 17.66 -13.10
CA TYR A 241 2.81 17.88 -13.44
C TYR A 241 2.52 19.37 -13.61
N ASP A 242 1.43 19.66 -14.31
CA ASP A 242 0.98 21.03 -14.43
C ASP A 242 0.30 21.47 -13.13
N LEU A 243 0.78 22.58 -12.56
CA LEU A 243 0.29 23.03 -11.26
C LEU A 243 -1.11 23.63 -11.35
N ASN A 244 -1.37 24.43 -12.38
CA ASN A 244 -2.59 25.23 -12.43
C ASN A 244 -3.87 24.43 -12.23
N PRO A 245 -4.02 23.19 -12.73
CA PRO A 245 -5.27 22.45 -12.47
C PRO A 245 -5.48 22.13 -11.00
N PHE A 246 -4.48 22.31 -10.15
CA PHE A 246 -4.69 22.06 -8.74
C PHE A 246 -5.36 23.21 -8.03
N VAL A 247 -5.15 24.46 -8.47
CA VAL A 247 -5.85 25.58 -7.84
C VAL A 247 -7.35 25.43 -8.06
N THR A 248 -7.75 25.16 -9.30
CA THR A 248 -9.17 25.06 -9.64
C THR A 248 -9.81 23.83 -9.01
N GLY A 249 -9.04 22.77 -8.78
CA GLY A 249 -9.53 21.53 -8.22
C GLY A 249 -9.28 20.31 -9.09
N ILE A 250 -9.00 19.14 -8.48
CA ILE A 250 -8.71 17.95 -9.27
C ILE A 250 -10.02 17.25 -9.61
N SER A 251 -10.03 16.62 -10.79
CA SER A 251 -11.15 15.85 -11.32
C SER A 251 -11.17 14.42 -10.78
N PHE A 252 -12.33 13.77 -10.92
CA PHE A 252 -12.36 12.32 -10.74
C PHE A 252 -11.32 11.66 -11.62
N LYS A 253 -11.26 12.05 -12.88
CA LYS A 253 -10.31 11.43 -13.81
C LYS A 253 -8.88 11.84 -13.51
N ASP A 254 -8.67 13.08 -13.04
CA ASP A 254 -7.32 13.52 -12.69
C ASP A 254 -6.72 12.66 -11.57
N TRP A 255 -7.55 12.20 -10.64
CA TRP A 255 -7.05 11.39 -9.53
C TRP A 255 -6.52 10.04 -10.01
N ASP A 256 -7.23 9.38 -10.92
CA ASP A 256 -6.79 8.09 -11.44
C ASP A 256 -5.38 8.18 -12.01
N GLU A 257 -5.20 8.93 -13.10
CA GLU A 257 -3.91 9.06 -13.75
C GLU A 257 -2.84 9.64 -12.83
N LEU A 258 -3.22 9.98 -11.58
CA LEU A 258 -2.29 10.33 -10.52
C LEU A 258 -1.96 9.15 -9.62
N SER A 259 -2.86 8.17 -9.54
CA SER A 259 -2.69 7.00 -8.69
C SER A 259 -2.39 5.73 -9.46
N ASN A 260 -2.59 5.70 -10.77
CA ASN A 260 -2.33 4.50 -11.55
C ASN A 260 -1.28 4.77 -12.61
N SER A 261 -0.11 5.23 -12.20
CA SER A 261 0.91 5.69 -13.13
C SER A 261 2.26 5.27 -12.62
N LEU A 262 2.91 4.36 -13.33
CA LEU A 262 4.16 3.78 -12.84
C LEU A 262 5.33 4.72 -12.96
N ASP A 263 5.15 5.97 -13.40
CA ASP A 263 6.25 6.93 -13.32
C ASP A 263 6.10 7.86 -12.12
N HIS A 264 4.99 7.77 -11.37
CA HIS A 264 4.77 8.43 -10.09
C HIS A 264 5.01 9.93 -10.13
N PRO A 265 4.44 10.65 -11.09
CA PRO A 265 4.83 12.06 -11.24
C PRO A 265 4.36 12.91 -10.08
N PHE A 266 3.37 12.43 -9.34
CA PHE A 266 2.88 13.14 -8.18
C PHE A 266 3.83 13.09 -6.97
N THR A 267 5.08 12.62 -7.04
CA THR A 267 5.91 12.41 -5.86
C THR A 267 7.23 13.13 -6.06
N ASN A 268 7.66 13.89 -5.05
CA ASN A 268 8.92 14.64 -5.18
C ASN A 268 10.08 13.68 -4.94
N LYS A 269 10.54 13.07 -6.02
CA LYS A 269 11.61 12.09 -5.90
C LYS A 269 12.85 12.67 -5.25
N LEU A 270 13.06 14.00 -5.34
CA LEU A 270 14.27 14.62 -4.82
C LEU A 270 14.43 14.40 -3.32
N ILE A 271 13.35 14.45 -2.57
CA ILE A 271 13.50 14.43 -1.11
C ILE A 271 12.47 13.49 -0.50
N ASN A 272 11.56 13.01 -1.34
CA ASN A 272 10.64 11.98 -0.91
C ASN A 272 10.87 10.65 -1.59
N GLY A 273 11.80 10.58 -2.54
CA GLY A 273 12.20 9.35 -3.17
C GLY A 273 13.55 8.92 -2.63
N TYR A 274 13.64 7.67 -2.19
CA TYR A 274 14.94 7.18 -1.78
C TYR A 274 15.27 5.86 -2.47
N TYR A 275 16.56 5.64 -2.61
CA TYR A 275 17.14 4.71 -3.56
C TYR A 275 18.48 4.26 -3.01
N PRO A 276 18.98 3.12 -3.44
CA PRO A 276 20.28 2.67 -2.98
C PRO A 276 21.36 3.54 -3.57
N PRO A 277 22.25 4.08 -2.73
CA PRO A 277 23.29 4.98 -3.24
C PRO A 277 24.22 4.31 -4.22
N GLY A 278 24.45 3.01 -4.06
CA GLY A 278 25.36 2.26 -4.89
C GLY A 278 26.78 2.73 -4.77
N SER A 279 27.55 2.48 -5.80
CA SER A 279 28.96 2.74 -5.87
C SER A 279 29.30 4.18 -5.47
N VAL A 280 28.38 5.14 -5.40
CA VAL A 280 28.76 6.52 -5.13
C VAL A 280 29.12 6.76 -3.67
N VAL A 281 28.91 5.77 -2.80
CA VAL A 281 29.35 5.95 -1.42
C VAL A 281 30.82 5.68 -1.26
N LYS A 282 31.47 5.18 -2.31
CA LYS A 282 32.84 4.71 -2.17
C LYS A 282 33.76 5.84 -1.73
N MET A 283 33.53 7.06 -2.24
CA MET A 283 34.29 8.21 -1.75
C MET A 283 34.21 8.32 -0.23
N GLY A 284 33.03 8.08 0.33
CA GLY A 284 32.84 8.24 1.75
C GLY A 284 33.32 7.02 2.50
N VAL A 285 33.01 5.84 1.96
CA VAL A 285 33.52 4.61 2.52
C VAL A 285 35.03 4.58 2.43
N GLY A 286 35.57 5.02 1.27
CA GLY A 286 37.01 5.18 1.15
C GLY A 286 37.59 6.15 2.16
N LEU A 287 36.85 7.20 2.48
CA LEU A 287 37.36 8.12 3.51
C LEU A 287 37.44 7.42 4.85
N SER A 288 36.50 6.52 5.15
CA SER A 288 36.51 5.85 6.45
C SER A 288 37.68 4.89 6.55
N PHE A 289 38.16 4.36 5.41
CA PHE A 289 39.30 3.44 5.44
C PHE A 289 40.55 4.14 5.94
N LEU A 290 40.85 5.31 5.40
CA LEU A 290 42.21 5.82 5.41
C LEU A 290 42.78 6.02 6.82
N ASN A 291 41.94 6.11 7.86
CA ASN A 291 42.48 6.25 9.22
C ASN A 291 42.54 4.89 9.93
N SER A 292 43.31 3.97 9.34
CA SER A 292 43.44 2.64 9.90
C SER A 292 44.87 2.23 10.22
N LYS A 293 45.86 2.84 9.58
CA LYS A 293 47.25 2.37 9.60
C LYS A 293 47.36 1.06 8.82
N ASN A 294 46.26 0.32 8.74
CA ASN A 294 46.19 -0.86 7.90
C ASN A 294 45.76 -0.56 6.46
N ILE A 295 45.05 0.52 6.21
CA ILE A 295 44.84 0.97 4.84
C ILE A 295 45.44 2.35 4.64
N SER A 296 45.97 2.55 3.44
CA SER A 296 46.68 3.73 3.00
C SER A 296 46.27 4.06 1.58
N PRO A 297 46.52 5.30 1.13
CA PRO A 297 46.19 5.67 -0.25
C PRO A 297 46.67 4.68 -1.28
N SER A 298 47.80 4.00 -1.04
CA SER A 298 48.43 3.13 -2.04
C SER A 298 48.46 1.66 -1.63
N THR A 299 47.78 1.29 -0.54
CA THR A 299 47.48 -0.12 -0.29
C THR A 299 46.65 -0.69 -1.45
N GLN A 300 46.99 -1.92 -1.85
CA GLN A 300 46.35 -2.63 -2.95
C GLN A 300 45.60 -3.87 -2.44
N TYR A 301 44.43 -4.14 -3.05
CA TYR A 301 43.69 -5.38 -2.89
C TYR A 301 43.47 -5.98 -4.27
N VAL A 302 43.54 -7.30 -4.39
CA VAL A 302 43.43 -7.96 -5.69
C VAL A 302 42.01 -8.43 -5.94
N CYS A 303 41.45 -8.02 -7.08
CA CYS A 303 40.04 -8.28 -7.42
C CYS A 303 39.97 -9.34 -8.51
N ASN A 304 39.62 -10.57 -8.14
CA ASN A 304 39.49 -11.60 -9.15
C ASN A 304 38.07 -11.78 -9.59
N GLY A 305 37.29 -10.70 -9.55
CA GLY A 305 35.90 -10.74 -9.93
C GLY A 305 34.99 -11.22 -8.83
N SER A 306 35.55 -11.65 -7.71
CA SER A 306 34.75 -11.95 -6.53
C SER A 306 35.70 -12.10 -5.35
N ILE A 307 35.11 -12.22 -4.17
CA ILE A 307 35.77 -12.81 -3.02
C ILE A 307 34.81 -13.79 -2.35
N GLU A 308 35.35 -14.63 -1.49
CA GLU A 308 34.57 -15.59 -0.75
C GLU A 308 34.73 -15.29 0.74
N LEU A 309 33.63 -15.39 1.48
CA LEU A 309 33.61 -15.10 2.90
C LEU A 309 32.70 -16.10 3.57
N GLY A 310 33.22 -16.77 4.60
CA GLY A 310 32.46 -17.73 5.37
C GLY A 310 31.53 -18.64 4.57
N GLY A 311 31.90 -18.92 3.32
CA GLY A 311 31.16 -19.82 2.47
C GLY A 311 30.28 -19.16 1.44
N ARG A 312 30.12 -17.84 1.48
CA ARG A 312 29.27 -17.13 0.52
C ARG A 312 30.14 -16.24 -0.34
N PHE A 313 29.67 -15.98 -1.56
CA PHE A 313 30.44 -15.27 -2.57
C PHE A 313 29.85 -13.89 -2.79
N PHE A 314 30.71 -12.88 -2.74
CA PHE A 314 30.35 -11.51 -3.06
C PHE A 314 31.03 -11.17 -4.37
N ARG A 315 30.26 -10.81 -5.38
CA ARG A 315 30.81 -10.54 -6.70
C ARG A 315 31.27 -9.09 -6.84
N CYS A 316 32.19 -8.88 -7.75
CA CYS A 316 32.39 -7.55 -8.32
C CYS A 316 31.46 -7.43 -9.52
N TRP A 317 31.20 -6.20 -9.95
CA TRP A 317 30.39 -6.04 -11.13
C TRP A 317 31.13 -6.49 -12.37
N ASN A 318 32.46 -6.58 -12.30
CA ASN A 318 33.30 -6.98 -13.43
C ASN A 318 33.65 -8.46 -13.26
N ARG A 319 32.83 -9.32 -13.87
CA ARG A 319 32.97 -10.75 -13.69
C ARG A 319 34.38 -11.24 -13.96
N SER A 320 35.09 -10.58 -14.88
CA SER A 320 36.45 -10.95 -15.25
C SER A 320 37.50 -10.25 -14.40
N GLY A 321 37.11 -9.70 -13.26
CA GLY A 321 38.06 -9.16 -12.30
C GLY A 321 38.83 -7.91 -12.70
N HIS A 322 39.11 -7.07 -11.71
CA HIS A 322 39.80 -5.80 -11.92
C HIS A 322 41.30 -5.90 -11.75
N GLY A 323 41.76 -6.93 -11.06
CA GLY A 323 43.16 -7.08 -10.81
C GLY A 323 43.52 -6.48 -9.49
N PRO A 324 44.81 -6.22 -9.30
CA PRO A 324 45.22 -5.35 -8.19
C PRO A 324 44.70 -3.95 -8.45
N VAL A 325 44.23 -3.30 -7.39
CA VAL A 325 43.83 -1.89 -7.41
C VAL A 325 44.17 -1.28 -6.06
N ASP A 326 44.57 0.00 -6.08
CA ASP A 326 44.59 0.82 -4.87
C ASP A 326 43.29 1.63 -4.80
N LEU A 327 43.11 2.37 -3.71
CA LEU A 327 41.87 3.14 -3.56
C LEU A 327 41.58 4.01 -4.79
N LYS A 328 42.58 4.78 -5.25
CA LYS A 328 42.34 5.63 -6.42
C LYS A 328 41.69 4.86 -7.56
N HIS A 329 42.29 3.73 -7.94
CA HIS A 329 41.75 3.01 -9.08
C HIS A 329 40.53 2.18 -8.72
N ALA A 330 40.37 1.81 -7.45
CA ALA A 330 39.14 1.13 -7.05
C ALA A 330 37.95 2.07 -7.20
N ILE A 331 38.16 3.36 -6.92
CA ILE A 331 37.14 4.37 -7.20
C ILE A 331 37.01 4.58 -8.70
N LYS A 332 38.14 4.80 -9.37
CA LYS A 332 38.11 5.09 -10.79
C LYS A 332 37.28 4.08 -11.56
N TYR A 333 37.47 2.80 -11.26
CA TYR A 333 36.78 1.73 -11.95
C TYR A 333 35.55 1.24 -11.22
N SER A 334 35.29 1.76 -10.02
CA SER A 334 34.17 1.30 -9.21
C SER A 334 34.29 -0.20 -8.92
N CYS A 335 35.47 -0.62 -8.47
CA CYS A 335 35.65 -2.01 -8.04
C CYS A 335 34.94 -2.22 -6.71
N ASP A 336 34.04 -3.19 -6.67
CA ASP A 336 33.39 -3.52 -5.42
C ASP A 336 34.34 -4.26 -4.51
N VAL A 337 35.23 -5.06 -5.10
CA VAL A 337 35.99 -6.02 -4.31
C VAL A 337 36.92 -5.30 -3.33
N TYR A 338 37.52 -4.19 -3.76
CA TYR A 338 38.36 -3.39 -2.88
C TYR A 338 37.63 -3.02 -1.60
N PHE A 339 36.37 -2.56 -1.72
CA PHE A 339 35.66 -2.11 -0.53
C PHE A 339 35.19 -3.30 0.31
N TYR A 340 34.90 -4.44 -0.32
CA TYR A 340 34.69 -5.67 0.43
C TYR A 340 35.88 -5.97 1.34
N ASN A 341 37.07 -6.07 0.77
CA ASN A 341 38.24 -6.35 1.59
C ASN A 341 38.46 -5.23 2.59
N GLY A 342 38.49 -3.98 2.09
CA GLY A 342 38.70 -2.85 2.98
C GLY A 342 37.76 -2.85 4.16
N SER A 343 36.46 -2.99 3.90
CA SER A 343 35.46 -2.90 4.97
C SER A 343 35.72 -3.94 6.05
N LEU A 344 35.94 -5.20 5.65
CA LEU A 344 36.38 -6.24 6.58
C LEU A 344 37.51 -5.76 7.48
N GLN A 345 38.48 -5.03 6.93
CA GLN A 345 39.56 -4.49 7.75
C GLN A 345 39.03 -3.48 8.73
N VAL A 346 38.15 -2.61 8.24
CA VAL A 346 37.78 -1.40 8.93
C VAL A 346 36.67 -1.66 9.96
N GLY A 347 35.66 -2.42 9.57
CA GLY A 347 34.51 -2.72 10.41
C GLY A 347 33.34 -1.79 10.14
N ILE A 348 32.14 -2.23 10.51
CA ILE A 348 30.96 -1.47 10.11
C ILE A 348 30.83 -0.17 10.91
N ASP A 349 31.16 -0.22 12.22
CA ASP A 349 31.03 0.97 13.07
C ASP A 349 31.77 2.15 12.47
N GLN A 350 32.95 1.91 11.90
CA GLN A 350 33.76 2.98 11.36
C GLN A 350 33.15 3.56 10.09
N ILE A 351 32.65 2.68 9.21
CA ILE A 351 32.02 3.14 7.98
C ILE A 351 30.75 3.93 8.28
N SER A 352 29.89 3.37 9.15
CA SER A 352 28.65 4.05 9.53
C SER A 352 28.92 5.42 10.12
N GLU A 353 29.73 5.49 11.19
CA GLU A 353 30.02 6.79 11.80
C GLU A 353 30.48 7.82 10.76
N THR A 354 31.46 7.47 9.92
CA THR A 354 31.91 8.41 8.90
C THR A 354 30.78 8.72 7.91
N LEU A 355 30.03 7.71 7.49
CA LEU A 355 28.99 7.97 6.50
C LEU A 355 27.89 8.89 7.01
N SER A 356 27.65 8.94 8.32
CA SER A 356 26.52 9.70 8.81
C SER A 356 26.85 11.18 8.89
N ARG A 357 28.14 11.52 9.04
CA ARG A 357 28.56 12.91 9.13
C ARG A 357 28.57 13.61 7.77
N ILE A 358 28.92 12.89 6.70
CA ILE A 358 28.84 13.48 5.36
C ILE A 358 27.39 13.47 4.89
N GLY A 359 26.46 13.17 5.79
CA GLY A 359 25.05 13.31 5.49
C GLY A 359 24.41 12.14 4.78
N PHE A 360 24.32 11.02 5.47
CA PHE A 360 23.46 9.94 5.05
C PHE A 360 22.50 9.67 6.21
N GLY A 361 21.35 9.11 5.87
CA GLY A 361 20.27 8.94 6.84
C GLY A 361 19.97 10.16 7.70
N ALA A 362 20.00 11.36 7.11
CA ALA A 362 19.77 12.60 7.86
C ALA A 362 19.29 13.69 6.90
N LYS A 363 18.27 14.46 7.33
CA LYS A 363 17.71 15.53 6.52
C LYS A 363 18.81 16.47 6.02
N THR A 364 18.77 16.83 4.73
CA THR A 364 19.83 17.72 4.26
C THR A 364 19.67 19.13 4.80
N GLY A 365 18.52 19.43 5.42
CA GLY A 365 18.22 20.77 5.88
C GLY A 365 17.53 21.64 4.87
N VAL A 366 16.94 21.04 3.86
CA VAL A 366 16.47 21.81 2.73
C VAL A 366 15.09 22.34 3.07
N ASP A 367 14.75 23.46 2.44
CA ASP A 367 13.53 24.20 2.76
C ASP A 367 12.39 23.81 1.81
N LEU A 368 12.05 22.52 1.85
CA LEU A 368 10.85 21.96 1.29
C LEU A 368 10.24 21.09 2.38
N PRO A 369 8.93 20.95 2.41
CA PRO A 369 8.31 20.28 3.56
C PRO A 369 8.43 18.76 3.49
N SER A 370 8.75 18.17 4.65
CA SER A 370 8.73 16.73 4.86
C SER A 370 9.84 16.03 4.09
N GLU A 371 11.08 16.50 4.26
CA GLU A 371 12.22 15.79 3.71
C GLU A 371 12.39 14.44 4.40
N PHE A 372 12.54 13.40 3.59
CA PHE A 372 12.79 12.04 4.06
C PHE A 372 14.29 11.81 4.30
N VAL A 373 14.57 10.96 5.28
CA VAL A 373 15.96 10.67 5.66
C VAL A 373 16.54 9.41 5.00
N GLY A 374 15.69 8.48 4.54
CA GLY A 374 16.28 7.25 4.04
C GLY A 374 16.84 6.40 5.16
N THR A 375 17.75 5.50 4.78
CA THR A 375 18.29 4.48 5.68
C THR A 375 19.80 4.40 5.52
N LEU A 376 20.54 4.74 6.59
CA LEU A 376 21.97 4.49 6.71
C LEU A 376 22.17 3.33 7.68
N PRO A 377 22.60 2.15 7.20
CA PRO A 377 22.53 0.96 8.05
C PRO A 377 23.63 0.94 9.08
N SER A 378 23.36 0.22 10.16
CA SER A 378 24.23 0.24 11.33
C SER A 378 23.81 -0.93 12.22
N LYS A 379 24.72 -1.36 13.09
CA LYS A 379 24.33 -2.47 13.96
C LYS A 379 23.12 -2.07 14.79
N GLU A 380 23.17 -0.86 15.36
CA GLU A 380 22.05 -0.34 16.14
C GLU A 380 20.77 -0.33 15.32
N TRP A 381 20.86 0.06 14.04
CA TRP A 381 19.67 0.09 13.19
C TRP A 381 19.09 -1.30 12.99
N LYS A 382 19.88 -2.24 12.46
CA LYS A 382 19.42 -3.61 12.24
C LYS A 382 18.69 -4.17 13.47
N MET A 383 19.15 -3.81 14.67
CA MET A 383 18.64 -4.47 15.87
C MET A 383 17.20 -4.09 16.14
N GLN A 384 16.82 -2.83 15.86
CA GLN A 384 15.45 -2.42 16.09
C GLN A 384 14.56 -2.76 14.91
N ARG A 385 15.06 -2.59 13.68
CA ARG A 385 14.26 -2.78 12.48
C ARG A 385 14.07 -4.23 12.12
N TYR A 386 14.97 -5.12 12.56
CA TYR A 386 14.95 -6.51 12.13
C TYR A 386 15.15 -7.52 13.25
N ARG A 387 15.42 -7.08 14.48
CA ARG A 387 15.63 -8.00 15.61
C ARG A 387 16.60 -9.12 15.24
N GLN A 388 17.77 -8.72 14.75
CA GLN A 388 18.76 -9.65 14.23
C GLN A 388 20.14 -9.04 14.42
N SER A 389 21.12 -9.88 14.75
CA SER A 389 22.46 -9.34 14.93
C SER A 389 23.03 -8.97 13.56
N TRP A 390 24.24 -8.41 13.56
CA TRP A 390 24.87 -7.91 12.35
C TRP A 390 25.95 -8.87 11.89
N PHE A 391 25.94 -9.16 10.59
CA PHE A 391 26.82 -10.15 9.98
C PHE A 391 27.76 -9.49 8.98
N GLN A 392 29.00 -9.96 8.93
CA GLN A 392 29.99 -9.41 8.01
C GLN A 392 29.42 -9.26 6.62
N GLY A 393 28.52 -10.16 6.22
CA GLY A 393 27.81 -9.98 4.97
C GLY A 393 27.27 -8.57 4.84
N ASP A 394 26.64 -8.06 5.89
CA ASP A 394 26.06 -6.72 5.86
C ASP A 394 27.13 -5.65 5.67
N THR A 395 28.20 -5.69 6.48
CA THR A 395 29.29 -4.77 6.25
C THR A 395 29.65 -4.73 4.76
N LEU A 396 29.69 -5.91 4.13
CA LEU A 396 30.09 -5.95 2.72
C LEU A 396 29.05 -5.27 1.84
N ASN A 397 27.79 -5.61 1.98
CA ASN A 397 26.81 -4.96 1.12
C ASN A 397 26.84 -3.47 1.34
N THR A 398 26.93 -3.07 2.61
CA THR A 398 26.90 -1.64 2.94
C THR A 398 28.12 -0.91 2.38
N ALA A 399 29.30 -1.54 2.47
CA ALA A 399 30.53 -0.92 1.99
C ALA A 399 30.46 -0.45 0.54
N ILE A 400 29.67 -1.12 -0.32
CA ILE A 400 29.54 -0.67 -1.70
C ILE A 400 28.13 -0.16 -1.98
N GLY A 401 27.54 0.51 -0.98
CA GLY A 401 26.30 1.25 -1.18
C GLY A 401 25.08 0.44 -1.60
N GLN A 402 24.88 -0.72 -1.00
CA GLN A 402 23.79 -1.60 -1.40
C GLN A 402 23.20 -2.16 -0.11
N GLY A 403 22.57 -3.31 -0.21
CA GLY A 403 21.88 -3.81 0.96
C GLY A 403 20.66 -2.96 1.23
N ASN A 404 20.50 -2.53 2.48
CA ASN A 404 19.35 -1.72 2.85
C ASN A 404 19.66 -0.22 2.82
N PHE A 405 20.84 0.15 2.37
CA PHE A 405 21.28 1.52 2.26
C PHE A 405 20.39 2.27 1.28
N LEU A 406 19.72 3.31 1.77
CA LEU A 406 18.76 4.10 0.99
C LEU A 406 19.03 5.58 1.16
N ALA A 407 19.13 6.30 0.04
CA ALA A 407 19.46 7.72 0.05
C ALA A 407 18.51 8.46 -0.89
N THR A 408 18.31 9.74 -0.61
CA THR A 408 17.52 10.60 -1.46
C THR A 408 18.44 11.45 -2.32
N PRO A 409 18.07 11.69 -3.60
CA PRO A 409 18.92 12.54 -4.48
C PRO A 409 19.47 13.77 -3.80
N MET A 410 18.65 14.42 -2.97
CA MET A 410 19.14 15.59 -2.25
C MET A 410 20.33 15.23 -1.37
N GLN A 411 20.28 14.06 -0.72
CA GLN A 411 21.39 13.66 0.16
C GLN A 411 22.68 13.46 -0.62
N ILE A 412 22.59 12.73 -1.76
CA ILE A 412 23.75 12.56 -2.63
C ILE A 412 24.39 13.91 -2.91
N ALA A 413 23.56 14.89 -3.28
CA ALA A 413 24.05 16.22 -3.66
C ALA A 413 24.70 16.93 -2.47
N ARG A 414 24.07 16.86 -1.29
CA ARG A 414 24.74 17.43 -0.13
C ARG A 414 26.11 16.80 0.04
N TYR A 415 26.18 15.46 -0.08
CA TYR A 415 27.38 14.68 0.18
C TYR A 415 28.48 14.99 -0.84
N THR A 416 28.17 14.85 -2.13
CA THR A 416 29.06 15.31 -3.19
C THR A 416 29.59 16.69 -2.90
N ALA A 417 28.68 17.65 -2.71
CA ALA A 417 29.08 19.03 -2.46
C ALA A 417 30.06 19.12 -1.29
N GLN A 418 29.78 18.42 -0.20
CA GLN A 418 30.63 18.52 0.97
C GLN A 418 32.04 17.94 0.69
N ILE A 419 32.12 16.86 -0.09
CA ILE A 419 33.43 16.33 -0.49
C ILE A 419 34.21 17.39 -1.27
N ALA A 420 33.52 18.16 -2.11
CA ALA A 420 34.17 19.17 -2.93
C ALA A 420 34.51 20.43 -2.13
N LYS A 421 33.61 20.87 -1.24
CA LYS A 421 33.90 22.07 -0.49
C LYS A 421 34.88 21.79 0.64
N GLY A 422 34.80 20.61 1.26
CA GLY A 422 35.58 20.32 2.44
C GLY A 422 34.90 20.72 3.73
N GLY A 423 33.62 21.05 3.68
CA GLY A 423 32.93 21.55 4.84
C GLY A 423 31.45 21.48 4.59
N GLU A 424 30.69 21.92 5.60
CA GLU A 424 29.23 21.85 5.56
C GLU A 424 28.67 22.53 4.33
N VAL A 425 27.64 21.92 3.75
CA VAL A 425 26.90 22.50 2.63
C VAL A 425 25.44 22.15 2.79
N ILE A 426 24.61 23.16 3.07
CA ILE A 426 23.17 22.98 3.25
C ILE A 426 22.45 23.51 2.03
N PRO A 427 21.63 22.71 1.37
CA PRO A 427 20.88 23.18 0.19
C PRO A 427 19.69 24.05 0.57
N HIS A 428 19.46 25.11 -0.21
CA HIS A 428 18.33 26.00 0.03
C HIS A 428 17.81 26.55 -1.29
N PHE A 429 16.50 26.76 -1.35
CA PHE A 429 15.91 27.44 -2.48
C PHE A 429 15.67 28.93 -2.23
N LEU A 430 15.61 29.38 -0.98
CA LEU A 430 15.18 30.75 -0.71
C LEU A 430 16.32 31.73 -0.95
N LYS A 431 16.24 32.46 -2.07
CA LYS A 431 17.26 33.48 -2.33
C LYS A 431 17.02 34.72 -1.49
N SER A 432 15.85 35.33 -1.64
CA SER A 432 15.55 36.61 -1.01
C SER A 432 14.06 36.75 -0.79
N ILE A 433 13.72 37.53 0.20
CA ILE A 433 12.35 37.96 0.44
C ILE A 433 12.28 39.41 0.02
N GLU A 434 11.58 39.68 -1.08
CA GLU A 434 11.44 41.04 -1.59
C GLU A 434 10.07 41.62 -1.23
N ASN A 435 9.79 41.66 0.07
CA ASN A 435 8.53 42.22 0.55
C ASN A 435 8.40 43.70 0.18
N ASN A 436 7.28 44.05 -0.44
CA ASN A 436 7.08 45.38 -1.01
C ASN A 436 7.65 46.48 -0.13
N ASN A 437 8.59 47.25 -0.69
CA ASN A 437 9.29 48.35 0.00
C ASN A 437 10.27 47.88 1.07
N THR A 438 10.68 46.59 1.03
CA THR A 438 11.77 46.07 1.85
C THR A 438 12.19 44.65 1.42
N THR A 439 13.23 44.52 0.60
CA THR A 439 13.76 43.22 0.22
C THR A 439 14.79 42.80 1.27
N ILE A 440 14.47 41.75 2.02
CA ILE A 440 15.19 41.43 3.26
C ILE A 440 16.18 40.27 3.13
N GLU A 441 16.02 39.39 2.15
CA GLU A 441 17.03 38.36 1.80
C GLU A 441 17.25 37.44 3.01
N ASN A 442 18.49 37.27 3.48
CA ASN A 442 18.94 36.15 4.34
C ASN A 442 19.01 34.81 3.55
N LYS A 448 28.54 27.58 12.78
CA LYS A 448 28.56 26.50 11.77
C LYS A 448 29.37 25.24 12.14
N LYS A 449 28.79 24.06 11.91
CA LYS A 449 29.29 22.80 12.45
C LYS A 449 30.21 22.08 11.46
N GLU A 450 31.46 21.83 11.89
CA GLU A 450 32.42 21.09 11.07
C GLU A 450 31.96 19.66 10.88
N ILE A 451 32.23 19.10 9.71
CA ILE A 451 31.75 17.77 9.36
C ILE A 451 32.84 16.81 8.90
N PHE A 452 34.08 17.25 8.75
CA PHE A 452 35.24 16.40 8.49
C PHE A 452 36.24 16.57 9.63
N THR A 453 36.87 15.46 10.05
CA THR A 453 37.88 15.50 11.10
C THR A 453 39.16 16.15 10.60
N LEU A 454 40.07 16.52 11.51
CA LEU A 454 41.21 17.27 11.01
C LEU A 454 42.05 16.38 10.09
N PHE A 455 42.11 15.08 10.41
CA PHE A 455 42.79 14.12 9.56
C PHE A 455 41.99 13.84 8.28
N GLU A 456 40.69 13.60 8.41
CA GLU A 456 39.87 13.32 7.24
C GLU A 456 39.99 14.42 6.19
N LYS A 457 40.25 15.66 6.62
CA LYS A 457 40.37 16.73 5.65
C LYS A 457 41.70 16.63 4.90
N SER A 458 42.75 16.19 5.60
CA SER A 458 44.05 15.95 4.97
C SER A 458 43.98 14.86 3.91
N GLN A 459 43.01 13.94 4.03
CA GLN A 459 42.92 12.83 3.12
C GLN A 459 41.94 13.07 1.99
N LEU A 460 41.26 14.20 2.00
CA LEU A 460 40.27 14.51 0.98
C LEU A 460 40.87 14.72 -0.42
N PRO A 461 42.12 15.19 -0.55
CA PRO A 461 42.66 15.34 -1.92
C PRO A 461 42.76 14.01 -2.64
N TYR A 462 43.09 12.94 -1.92
CA TYR A 462 43.12 11.64 -2.58
C TYR A 462 41.75 11.32 -3.16
N ILE A 463 40.71 11.50 -2.35
CA ILE A 463 39.36 11.23 -2.81
C ILE A 463 39.04 12.05 -4.06
N ARG A 464 39.41 13.33 -4.07
CA ARG A 464 39.04 14.18 -5.20
C ARG A 464 39.81 13.82 -6.46
N ASP A 465 41.06 13.35 -6.32
CA ASP A 465 41.81 12.91 -7.48
C ASP A 465 41.18 11.66 -8.09
N ALA A 466 40.75 10.72 -7.25
CA ALA A 466 40.00 9.57 -7.73
C ALA A 466 38.77 10.01 -8.49
N MET A 467 38.08 11.06 -8.00
CA MET A 467 36.87 11.51 -8.67
C MET A 467 37.21 12.09 -10.02
N TYR A 468 38.33 12.82 -10.10
CA TYR A 468 38.80 13.32 -11.38
C TYR A 468 39.05 12.18 -12.36
N ALA A 469 39.70 11.12 -11.87
CA ALA A 469 39.98 9.98 -12.72
C ALA A 469 38.70 9.42 -13.31
N VAL A 470 37.64 9.35 -12.50
CA VAL A 470 36.38 8.76 -12.95
C VAL A 470 35.92 9.46 -14.23
N ALA A 471 36.36 10.70 -14.41
CA ALA A 471 35.80 11.51 -15.48
C ALA A 471 36.81 11.97 -16.52
N ASN A 472 38.11 11.84 -16.29
CA ASN A 472 39.04 12.30 -17.30
C ASN A 472 40.13 11.30 -17.67
N GLU A 473 40.32 10.23 -16.89
CA GLU A 473 41.34 9.25 -17.20
C GLU A 473 40.69 8.08 -17.91
N GLN A 474 41.38 7.54 -18.91
CA GLN A 474 40.79 6.51 -19.76
C GLN A 474 40.25 5.37 -18.92
N GLY A 475 39.04 4.93 -19.26
CA GLY A 475 38.43 3.85 -18.55
C GLY A 475 37.92 4.19 -17.18
N GLY A 476 37.77 5.47 -16.87
CA GLY A 476 36.94 5.85 -15.75
C GLY A 476 35.47 5.62 -16.08
N THR A 477 34.69 5.22 -15.06
CA THR A 477 33.31 4.81 -15.35
C THR A 477 32.53 5.90 -16.10
N SER A 478 32.99 7.16 -16.05
CA SER A 478 32.32 8.27 -16.74
C SER A 478 33.19 8.95 -17.78
N TYR A 479 34.29 8.33 -18.20
CA TYR A 479 35.24 9.02 -19.08
C TYR A 479 34.62 9.35 -20.44
N ARG A 480 33.71 8.50 -20.93
CA ARG A 480 33.22 8.66 -22.30
C ARG A 480 32.63 10.04 -22.53
N TYR A 481 32.00 10.63 -21.51
CA TYR A 481 31.17 11.82 -21.69
C TYR A 481 31.71 13.06 -21.03
N LEU A 482 32.45 12.92 -19.93
CA LEU A 482 32.86 14.07 -19.14
C LEU A 482 34.26 14.56 -19.46
N HIS A 483 35.02 13.83 -20.28
CA HIS A 483 36.42 14.14 -20.49
C HIS A 483 36.63 15.23 -21.53
N ASN A 484 35.58 15.56 -22.28
CA ASN A 484 35.79 16.64 -23.23
C ASN A 484 34.80 17.78 -23.03
N LEU A 485 34.66 18.23 -21.79
CA LEU A 485 33.87 19.41 -21.46
C LEU A 485 34.78 20.62 -21.28
N ASN A 486 34.23 21.81 -21.54
CA ASN A 486 35.01 23.04 -21.39
C ASN A 486 35.25 23.40 -19.94
N VAL A 487 34.57 22.72 -19.02
CA VAL A 487 34.85 22.77 -17.60
C VAL A 487 35.38 21.38 -17.19
N LYS A 488 36.52 21.35 -16.49
CA LYS A 488 37.07 20.10 -16.00
C LYS A 488 36.18 19.53 -14.90
N VAL A 489 35.64 18.34 -15.11
CA VAL A 489 34.64 17.78 -14.21
C VAL A 489 35.23 16.59 -13.48
N ALA A 490 34.83 16.43 -12.22
CA ALA A 490 35.03 15.23 -11.42
C ALA A 490 33.68 14.54 -11.20
N ALA A 491 33.71 13.22 -10.97
CA ALA A 491 32.46 12.48 -10.94
C ALA A 491 32.61 11.20 -10.13
N LYS A 492 31.47 10.54 -9.91
CA LYS A 492 31.41 9.17 -9.43
C LYS A 492 30.09 8.56 -9.86
N THR A 493 30.14 7.34 -10.39
CA THR A 493 28.94 6.68 -10.88
C THR A 493 28.38 5.76 -9.81
N GLY A 494 27.13 5.38 -10.00
CA GLY A 494 26.44 4.50 -9.08
C GLY A 494 25.33 3.76 -9.81
N THR A 495 24.90 2.66 -9.22
CA THR A 495 23.85 1.87 -9.82
C THR A 495 23.05 1.18 -8.72
N ALA A 496 21.73 1.20 -8.87
CA ALA A 496 20.82 0.56 -7.93
C ALA A 496 19.90 -0.33 -8.73
N GLN A 497 19.89 -1.61 -8.41
CA GLN A 497 19.02 -2.57 -9.04
C GLN A 497 17.72 -2.69 -8.27
N VAL A 498 16.69 -3.14 -8.97
CA VAL A 498 15.38 -3.30 -8.39
C VAL A 498 15.19 -4.75 -8.04
N VAL A 499 14.70 -5.02 -6.84
CA VAL A 499 14.65 -6.40 -6.39
C VAL A 499 13.30 -7.04 -6.73
N GLY A 500 12.23 -6.26 -6.74
CA GLY A 500 10.90 -6.82 -6.85
C GLY A 500 10.05 -6.06 -7.84
N PHE A 501 8.96 -6.69 -8.24
CA PHE A 501 7.98 -6.05 -9.12
C PHE A 501 6.61 -6.47 -8.62
N SER A 502 5.95 -5.55 -7.90
CA SER A 502 4.67 -5.83 -7.24
C SER A 502 3.67 -6.39 -8.21
N GLN A 503 2.77 -7.24 -7.70
CA GLN A 503 1.76 -7.80 -8.59
C GLN A 503 0.83 -6.73 -9.12
N THR A 504 0.68 -5.61 -8.38
CA THR A 504 -0.15 -4.52 -8.88
C THR A 504 0.54 -3.80 -10.03
N ASP A 505 1.73 -3.25 -9.77
CA ASP A 505 2.47 -2.53 -10.79
C ASP A 505 2.51 -3.30 -12.10
N LYS A 506 2.59 -4.63 -12.04
CA LYS A 506 2.50 -5.40 -13.27
C LYS A 506 1.15 -5.19 -13.95
N ASN A 507 0.06 -5.23 -13.17
CA ASN A 507 -1.26 -5.07 -13.76
C ASN A 507 -1.41 -3.71 -14.44
N ARG A 508 -0.71 -2.68 -13.93
CA ARG A 508 -0.85 -1.32 -14.44
C ARG A 508 -0.07 -1.07 -15.74
N VAL A 509 0.81 -1.99 -16.16
CA VAL A 509 1.58 -1.86 -17.40
C VAL A 509 1.29 -3.05 -18.30
N ASP A 510 1.76 -2.97 -19.54
CA ASP A 510 1.62 -4.05 -20.50
C ASP A 510 2.91 -4.87 -20.55
N GLU A 511 2.77 -6.12 -21.04
CA GLU A 511 3.84 -7.11 -20.89
C GLU A 511 5.15 -6.62 -21.48
N LYS A 512 5.09 -6.00 -22.66
CA LYS A 512 6.30 -5.53 -23.32
C LYS A 512 7.14 -4.65 -22.40
N GLN A 513 6.51 -3.77 -21.64
CA GLN A 513 7.28 -2.81 -20.86
C GLN A 513 7.82 -3.37 -19.55
N PHE A 514 7.50 -4.63 -19.19
CA PHE A 514 7.97 -5.20 -17.92
C PHE A 514 9.49 -5.09 -17.78
N GLU A 515 10.20 -5.49 -18.84
CA GLU A 515 11.65 -5.31 -18.96
C GLU A 515 12.08 -4.00 -18.34
N TYR A 516 11.71 -2.88 -18.97
CA TYR A 516 12.17 -1.56 -18.52
C TYR A 516 12.01 -1.40 -17.02
N TYR A 517 10.82 -1.71 -16.51
CA TYR A 517 10.52 -1.36 -15.14
C TYR A 517 11.32 -2.16 -14.11
N THR A 518 12.23 -3.03 -14.57
CA THR A 518 13.13 -3.76 -13.69
C THR A 518 14.60 -3.51 -14.00
N ARG A 519 14.92 -2.73 -15.03
CA ARG A 519 16.30 -2.28 -15.23
C ARG A 519 16.77 -1.44 -14.05
N SER A 520 17.93 -1.78 -13.52
CA SER A 520 18.57 -1.01 -12.45
C SER A 520 18.62 0.50 -12.72
N HIS A 521 18.71 1.31 -11.65
CA HIS A 521 18.76 2.77 -11.72
C HIS A 521 20.18 3.27 -11.91
N ALA A 522 20.31 4.49 -12.43
CA ALA A 522 21.58 5.14 -12.71
C ALA A 522 21.81 6.38 -11.84
N TRP A 523 22.88 6.39 -11.06
CA TRP A 523 23.39 7.64 -10.48
C TRP A 523 24.59 8.17 -11.27
N LEU A 524 24.68 9.49 -11.33
CA LEU A 524 25.91 10.19 -11.72
C LEU A 524 25.89 11.48 -10.91
N THR A 525 26.77 11.58 -9.93
CA THR A 525 27.01 12.82 -9.22
C THR A 525 28.38 13.36 -9.62
N SER A 526 28.46 14.69 -9.70
CA SER A 526 29.60 15.34 -10.29
C SER A 526 29.80 16.70 -9.63
N TYR A 527 30.95 17.31 -9.88
CA TYR A 527 31.21 18.66 -9.42
C TYR A 527 32.25 19.30 -10.33
N ALA A 528 32.09 20.61 -10.55
CA ALA A 528 32.94 21.37 -11.46
C ALA A 528 33.08 22.79 -10.96
N PRO A 529 34.20 23.46 -11.26
CA PRO A 529 35.41 22.95 -11.90
C PRO A 529 36.31 22.25 -10.90
N TYR A 530 36.98 21.17 -11.30
CA TYR A 530 37.81 20.42 -10.36
C TYR A 530 38.79 21.31 -9.64
N SER A 531 39.23 22.38 -10.31
CA SER A 531 40.24 23.29 -9.76
C SER A 531 39.68 24.11 -8.59
N LYS A 532 38.62 24.88 -8.85
CA LYS A 532 37.96 25.73 -7.85
C LYS A 532 36.48 25.37 -7.86
N PRO A 533 36.11 24.29 -7.19
CA PRO A 533 34.74 23.74 -7.28
C PRO A 533 33.69 24.80 -7.04
N LYS A 534 32.67 24.82 -7.91
CA LYS A 534 31.58 25.77 -7.77
C LYS A 534 30.22 25.11 -7.74
N TYR A 535 30.01 24.06 -8.53
CA TYR A 535 28.69 23.48 -8.69
C TYR A 535 28.71 21.96 -8.53
N VAL A 536 27.57 21.43 -8.15
CA VAL A 536 27.33 20.01 -8.08
C VAL A 536 26.22 19.69 -9.07
N VAL A 537 26.36 18.59 -9.80
CA VAL A 537 25.33 18.12 -10.73
C VAL A 537 25.04 16.67 -10.40
N THR A 538 23.91 16.41 -9.78
CA THR A 538 23.51 15.08 -9.36
C THR A 538 22.31 14.64 -10.18
N VAL A 539 22.48 13.60 -10.97
CA VAL A 539 21.40 13.11 -11.81
C VAL A 539 21.10 11.69 -11.38
N LEU A 540 19.82 11.35 -11.37
CA LEU A 540 19.38 10.00 -11.11
C LEU A 540 18.36 9.67 -12.18
N LEU A 541 18.75 8.82 -13.14
CA LEU A 541 17.82 8.31 -14.15
C LEU A 541 17.14 7.04 -13.65
N GLU A 542 15.82 7.11 -13.46
CA GLU A 542 15.08 5.90 -13.13
C GLU A 542 15.19 4.88 -14.29
N HIS A 543 15.67 3.67 -13.97
CA HIS A 543 15.79 2.56 -14.92
C HIS A 543 16.77 2.85 -16.06
N GLY A 544 17.77 3.70 -15.82
CA GLY A 544 18.72 4.05 -16.86
C GLY A 544 18.15 4.86 -18.00
N GLY A 545 16.92 5.34 -17.90
CA GLY A 545 16.30 6.16 -18.91
C GLY A 545 15.77 5.37 -20.09
N ARG A 546 14.89 6.03 -20.85
CA ARG A 546 14.31 5.51 -22.07
C ARG A 546 14.92 6.12 -23.32
N ASN A 547 15.35 7.37 -23.27
CA ASN A 547 15.94 8.02 -24.43
C ASN A 547 17.12 8.91 -24.06
N ILE A 548 17.47 9.01 -22.78
CA ILE A 548 18.71 9.63 -22.34
C ILE A 548 19.54 8.56 -21.62
N THR A 549 20.80 8.88 -21.37
CA THR A 549 21.67 8.10 -20.52
C THR A 549 22.25 9.01 -19.44
N SER A 550 22.68 8.42 -18.33
CA SER A 550 23.12 9.23 -17.17
C SER A 550 24.21 10.23 -17.56
N GLY A 551 25.28 9.76 -18.17
CA GLY A 551 26.40 10.64 -18.46
C GLY A 551 26.04 11.69 -19.47
N ALA A 552 25.39 11.29 -20.57
CA ALA A 552 25.00 12.24 -21.59
C ALA A 552 24.13 13.35 -21.01
N THR A 553 23.24 13.01 -20.09
CA THR A 553 22.45 14.04 -19.42
C THR A 553 23.36 15.02 -18.68
N VAL A 554 24.32 14.50 -17.92
CA VAL A 554 25.19 15.42 -17.18
C VAL A 554 26.05 16.23 -18.14
N ALA A 555 26.53 15.60 -19.20
CA ALA A 555 27.32 16.36 -20.18
C ALA A 555 26.53 17.53 -20.71
N LYS A 556 25.25 17.32 -20.98
CA LYS A 556 24.42 18.39 -21.54
C LYS A 556 24.07 19.44 -20.48
N ILE A 557 23.78 18.99 -19.25
CA ILE A 557 23.51 19.92 -18.16
C ILE A 557 24.70 20.84 -17.91
N TYR A 558 25.91 20.31 -18.04
CA TYR A 558 27.08 21.18 -17.90
C TYR A 558 27.22 22.11 -19.10
N GLN A 559 26.90 21.60 -20.29
CA GLN A 559 27.07 22.40 -21.50
C GLN A 559 26.10 23.58 -21.50
N LYS A 560 24.88 23.38 -21.00
CA LYS A 560 23.93 24.48 -20.91
C LYS A 560 24.40 25.53 -19.90
N MET A 561 24.93 25.09 -18.75
CA MET A 561 25.43 26.03 -17.76
C MET A 561 26.58 26.87 -18.30
N ILE A 562 27.36 26.33 -19.24
CA ILE A 562 28.41 27.15 -19.82
C ILE A 562 27.81 28.14 -20.80
N GLU A 563 26.80 27.73 -21.55
CA GLU A 563 26.12 28.65 -22.48
C GLU A 563 25.48 29.82 -21.75
N LEU A 564 25.03 29.62 -20.51
CA LEU A 564 24.45 30.67 -19.69
C LEU A 564 25.48 31.36 -18.80
N GLY A 565 26.78 31.19 -19.08
CA GLY A 565 27.81 31.92 -18.38
C GLY A 565 27.95 31.61 -16.90
N TYR A 566 27.35 30.53 -16.43
CA TYR A 566 27.42 30.21 -15.01
C TYR A 566 28.81 29.77 -14.57
N PHE A 567 29.77 29.73 -15.50
CA PHE A 567 31.19 29.54 -15.19
C PHE A 567 32.05 30.72 -15.67
N LYS A 568 31.46 31.86 -15.99
CA LYS A 568 32.24 32.98 -16.53
C LYS A 568 32.88 33.72 -15.36
N PRO B 6 10.46 -59.98 33.19
CA PRO B 6 10.74 -61.43 33.05
C PRO B 6 10.02 -62.07 31.85
N ALA B 7 8.88 -62.68 32.16
CA ALA B 7 7.83 -62.95 31.20
C ALA B 7 6.73 -61.90 31.25
N ILE B 8 7.03 -60.72 31.82
CA ILE B 8 6.13 -59.58 31.75
C ILE B 8 6.32 -58.89 30.41
N LYS B 9 5.22 -58.68 29.69
CA LYS B 9 5.22 -58.04 28.38
C LYS B 9 3.98 -57.16 28.30
N THR B 10 4.15 -55.91 27.87
CA THR B 10 3.07 -54.93 27.79
C THR B 10 2.83 -54.49 26.34
N GLU B 11 1.57 -54.33 25.98
CA GLU B 11 1.14 -54.04 24.62
C GLU B 11 0.38 -52.73 24.62
N PHE B 12 0.68 -51.88 23.62
CA PHE B 12 0.15 -50.53 23.56
C PHE B 12 -0.96 -50.44 22.54
N LEU B 13 -2.11 -49.95 22.97
CA LEU B 13 -3.32 -50.10 22.18
C LEU B 13 -3.75 -48.74 21.61
N PRO B 14 -3.91 -48.65 20.29
CA PRO B 14 -4.29 -47.37 19.69
C PRO B 14 -5.81 -47.19 19.72
N PRO B 15 -6.28 -45.99 20.02
CA PRO B 15 -7.73 -45.76 20.09
C PRO B 15 -8.33 -45.42 18.73
N VAL B 16 -9.66 -45.34 18.72
CA VAL B 16 -10.43 -44.98 17.54
C VAL B 16 -10.61 -43.46 17.53
N ARG B 17 -10.36 -42.81 16.39
CA ARG B 17 -10.41 -41.36 16.35
C ARG B 17 -11.75 -40.85 16.86
N GLY B 18 -11.73 -39.74 17.57
CA GLY B 18 -12.97 -39.08 17.94
C GLY B 18 -13.79 -38.71 16.72
N GLN B 19 -15.04 -38.35 16.97
CA GLN B 19 -15.96 -37.98 15.90
C GLN B 19 -16.16 -36.46 15.87
N ILE B 20 -16.09 -35.88 14.69
CA ILE B 20 -16.41 -34.47 14.52
C ILE B 20 -17.91 -34.36 14.22
N THR B 21 -18.59 -33.49 14.96
CA THR B 21 -20.02 -33.25 14.81
C THR B 21 -20.27 -31.75 14.76
N ASP B 22 -21.44 -31.36 14.26
CA ASP B 22 -21.76 -29.94 14.21
C ASP B 22 -22.42 -29.52 15.52
N ARG B 23 -22.96 -28.29 15.56
CA ARG B 23 -23.55 -27.78 16.80
C ARG B 23 -24.79 -28.55 17.21
N ASN B 24 -25.48 -29.15 16.25
CA ASN B 24 -26.66 -29.97 16.53
C ASN B 24 -26.31 -31.43 16.80
N GLY B 25 -25.02 -31.74 16.96
CA GLY B 25 -24.59 -33.11 17.14
C GLY B 25 -24.69 -33.97 15.91
N THR B 26 -25.02 -33.39 14.77
CA THR B 26 -25.09 -34.12 13.52
C THR B 26 -23.71 -34.63 13.14
N LEU B 27 -23.63 -35.92 12.76
CA LEU B 27 -22.35 -36.56 12.53
C LEU B 27 -21.70 -36.05 11.26
N LEU B 28 -20.49 -35.47 11.40
CA LEU B 28 -19.71 -34.91 10.31
C LEU B 28 -18.51 -35.76 9.91
N ALA B 29 -17.93 -36.48 10.87
CA ALA B 29 -16.78 -37.33 10.63
C ALA B 29 -16.96 -38.56 11.51
N ILE B 30 -17.17 -39.71 10.88
CA ILE B 30 -17.35 -40.98 11.57
C ILE B 30 -16.47 -42.04 10.91
N ASN B 31 -16.24 -43.12 11.66
CA ASN B 31 -15.41 -44.22 11.18
C ASN B 31 -16.29 -45.45 10.95
N ASP B 32 -16.48 -45.79 9.67
CA ASP B 32 -17.17 -47.02 9.30
C ASP B 32 -16.35 -48.23 9.73
N LEU B 33 -17.04 -49.28 10.16
CA LEU B 33 -16.44 -50.51 10.66
C LEU B 33 -16.59 -51.58 9.59
N GLY B 34 -15.48 -51.98 8.99
CA GLY B 34 -15.56 -53.01 7.98
C GLY B 34 -14.78 -54.26 8.33
N PHE B 35 -14.20 -54.88 7.32
CA PHE B 35 -13.33 -56.04 7.50
C PHE B 35 -12.20 -55.94 6.48
N SER B 36 -11.28 -56.92 6.53
CA SER B 36 -10.26 -57.13 5.51
C SER B 36 -10.13 -58.62 5.25
N ILE B 37 -10.09 -59.01 3.97
CA ILE B 37 -10.04 -60.42 3.58
C ILE B 37 -8.58 -60.84 3.41
N SER B 38 -8.28 -62.09 3.77
CA SER B 38 -6.96 -62.69 3.58
C SER B 38 -7.09 -64.03 2.84
N ILE B 39 -5.98 -64.49 2.26
CA ILE B 39 -5.92 -65.77 1.55
C ILE B 39 -5.46 -66.91 2.47
N LEU B 53 -5.37 -69.25 -7.30
CA LEU B 53 -6.23 -68.34 -6.57
C LEU B 53 -7.57 -68.22 -7.30
N ASP B 54 -7.64 -68.77 -8.51
CA ASP B 54 -8.85 -68.65 -9.32
C ASP B 54 -10.06 -69.29 -8.63
N LYS B 55 -9.84 -70.44 -7.97
CA LYS B 55 -10.95 -71.18 -7.38
C LYS B 55 -11.61 -70.38 -6.24
N GLU B 56 -10.81 -69.96 -5.26
CA GLU B 56 -11.36 -69.22 -4.12
C GLU B 56 -11.77 -67.78 -4.49
N LEU B 57 -11.20 -67.22 -5.57
CA LEU B 57 -11.69 -65.94 -6.09
C LEU B 57 -13.08 -66.07 -6.68
N SER B 58 -13.26 -67.04 -7.60
CA SER B 58 -14.57 -67.28 -8.18
C SER B 58 -15.62 -67.54 -7.10
N GLU B 59 -15.19 -68.09 -5.95
CA GLU B 59 -16.11 -68.27 -4.84
C GLU B 59 -16.51 -66.93 -4.23
N LEU B 60 -15.57 -65.97 -4.15
CA LEU B 60 -15.79 -64.73 -3.42
C LEU B 60 -16.37 -63.60 -4.29
N THR B 61 -15.86 -63.43 -5.51
CA THR B 61 -16.46 -62.45 -6.41
C THR B 61 -17.89 -62.83 -6.75
N ASN B 62 -18.28 -64.09 -6.52
CA ASN B 62 -19.68 -64.50 -6.58
C ASN B 62 -20.44 -64.20 -5.29
N LEU B 63 -19.77 -63.69 -4.26
CA LEU B 63 -20.43 -63.22 -3.04
C LEU B 63 -20.34 -61.71 -2.88
N PHE B 64 -19.14 -61.12 -3.00
CA PHE B 64 -18.94 -59.67 -2.94
C PHE B 64 -18.42 -59.20 -4.30
N PRO B 65 -19.31 -59.07 -5.30
CA PRO B 65 -18.86 -58.84 -6.68
C PRO B 65 -18.56 -57.40 -7.04
N ASP B 66 -18.72 -56.43 -6.14
CA ASP B 66 -18.27 -55.07 -6.44
C ASP B 66 -16.78 -55.02 -6.74
N LEU B 67 -16.02 -56.01 -6.30
CA LEU B 67 -14.59 -56.11 -6.59
C LEU B 67 -14.30 -57.29 -7.51
N PHE B 87 -0.61 -64.63 5.48
CA PHE B 87 -1.60 -64.80 4.42
C PHE B 87 -1.81 -63.50 3.64
N ILE B 88 -2.21 -63.61 2.37
CA ILE B 88 -2.23 -62.48 1.45
C ILE B 88 -3.59 -61.77 1.56
N LYS B 89 -3.61 -60.66 2.28
CA LYS B 89 -4.83 -59.85 2.42
C LYS B 89 -4.94 -58.88 1.25
N VAL B 90 -6.02 -59.02 0.48
CA VAL B 90 -6.24 -58.23 -0.73
C VAL B 90 -7.40 -57.25 -0.56
N VAL B 91 -8.56 -57.75 -0.11
CA VAL B 91 -9.70 -56.86 0.11
C VAL B 91 -9.34 -55.89 1.23
N ASP B 92 -9.09 -54.63 0.88
CA ASP B 92 -8.60 -53.68 1.88
C ASP B 92 -9.71 -53.30 2.85
N PHE B 93 -10.92 -52.98 2.35
CA PHE B 93 -12.04 -52.59 3.22
C PHE B 93 -13.36 -53.06 2.61
N ILE B 94 -14.05 -53.96 3.31
CA ILE B 94 -15.39 -54.40 2.95
C ILE B 94 -16.31 -54.01 4.10
N PRO B 95 -17.44 -53.35 3.83
CA PRO B 95 -18.30 -52.88 4.94
C PRO B 95 -18.97 -54.02 5.70
N TYR B 96 -19.12 -53.80 7.00
CA TYR B 96 -19.61 -54.83 7.90
C TYR B 96 -20.99 -55.36 7.48
N ASP B 97 -21.94 -54.46 7.22
CA ASP B 97 -23.30 -54.89 6.89
C ASP B 97 -23.35 -55.77 5.65
N GLU B 98 -22.32 -55.70 4.79
CA GLU B 98 -22.26 -56.43 3.53
C GLU B 98 -21.72 -57.83 3.70
N ILE B 99 -20.61 -57.97 4.43
CA ILE B 99 -19.90 -59.23 4.53
C ILE B 99 -20.22 -59.98 5.82
N ILE B 100 -21.14 -59.46 6.63
CA ILE B 100 -21.53 -60.09 7.90
C ILE B 100 -22.27 -61.42 7.70
N PRO B 101 -23.06 -61.66 6.65
CA PRO B 101 -23.73 -62.96 6.56
C PRO B 101 -22.80 -64.10 6.18
N HIS B 102 -21.58 -63.79 5.73
CA HIS B 102 -20.66 -64.81 5.25
C HIS B 102 -19.48 -65.06 6.20
N TYR B 103 -19.46 -64.44 7.38
CA TYR B 103 -18.33 -64.61 8.29
C TYR B 103 -18.13 -66.09 8.63
N SER B 104 -19.22 -66.79 8.94
CA SER B 104 -19.18 -68.24 9.17
C SER B 104 -18.52 -68.96 8.00
N GLU B 105 -19.19 -68.97 6.85
CA GLU B 105 -18.68 -69.60 5.63
C GLU B 105 -17.33 -69.05 5.16
N LEU B 106 -16.83 -67.97 5.77
CA LEU B 106 -15.56 -67.38 5.33
C LEU B 106 -14.46 -67.46 6.37
N ASN B 107 -14.78 -67.35 7.66
CA ASN B 107 -13.75 -67.52 8.68
C ASN B 107 -13.14 -68.90 8.58
N LEU B 108 -14.00 -69.92 8.44
CA LEU B 108 -13.61 -71.32 8.36
C LEU B 108 -13.09 -71.72 6.98
N ASN B 109 -13.31 -70.90 5.95
CA ASN B 109 -12.75 -71.19 4.63
C ASN B 109 -11.22 -71.12 4.71
N LYS B 110 -10.57 -72.19 4.25
CA LYS B 110 -9.16 -72.43 4.54
C LYS B 110 -8.26 -71.32 4.00
N THR B 111 -8.59 -70.79 2.82
CA THR B 111 -7.85 -69.66 2.27
C THR B 111 -8.52 -68.32 2.60
N ILE B 112 -9.10 -68.16 3.80
CA ILE B 112 -9.84 -66.93 4.10
C ILE B 112 -9.80 -66.62 5.60
N LYS B 113 -9.05 -65.58 5.97
CA LYS B 113 -9.01 -65.00 7.31
C LYS B 113 -9.54 -63.58 7.22
N ILE B 114 -10.76 -63.37 7.69
CA ILE B 114 -11.38 -62.05 7.65
C ILE B 114 -11.00 -61.31 8.93
N ASP B 115 -10.23 -60.22 8.78
CA ASP B 115 -9.80 -59.42 9.90
C ASP B 115 -10.50 -58.05 9.89
N PRO B 116 -10.85 -57.52 11.07
CA PRO B 116 -11.66 -56.29 11.12
C PRO B 116 -10.82 -55.01 10.98
N VAL B 117 -11.30 -54.11 10.14
CA VAL B 117 -10.74 -52.78 9.98
C VAL B 117 -11.84 -51.73 10.17
N VAL B 118 -11.44 -50.49 10.38
CA VAL B 118 -12.34 -49.34 10.25
C VAL B 118 -11.76 -48.41 9.20
N LYS B 119 -12.64 -47.67 8.54
CA LYS B 119 -12.24 -46.73 7.50
C LYS B 119 -12.94 -45.42 7.76
N ARG B 120 -12.22 -44.31 7.73
CA ARG B 120 -12.85 -43.04 8.07
C ARG B 120 -13.80 -42.60 6.97
N LYS B 121 -14.98 -42.14 7.38
CA LYS B 121 -16.05 -41.76 6.46
C LYS B 121 -16.59 -40.38 6.79
N TYR B 122 -16.74 -39.57 5.77
CA TYR B 122 -17.30 -38.24 5.92
C TYR B 122 -18.69 -38.24 5.31
N PRO B 123 -19.73 -38.20 6.13
CA PRO B 123 -21.08 -38.44 5.61
C PRO B 123 -21.57 -37.42 4.60
N PHE B 124 -21.02 -36.21 4.58
CA PHE B 124 -21.50 -35.24 3.61
C PHE B 124 -20.50 -34.96 2.52
N GLY B 125 -19.29 -35.50 2.62
CA GLY B 125 -18.31 -35.41 1.56
C GLY B 125 -17.93 -33.99 1.20
N LYS B 126 -18.46 -33.50 0.07
CA LYS B 126 -18.11 -32.17 -0.43
C LYS B 126 -18.26 -31.11 0.65
N LEU B 127 -19.40 -31.12 1.37
CA LEU B 127 -19.74 -30.04 2.29
C LEU B 127 -18.66 -29.85 3.36
N ALA B 128 -18.38 -28.58 3.67
CA ALA B 128 -17.43 -28.23 4.73
C ALA B 128 -16.06 -28.88 4.53
N SER B 129 -15.70 -29.19 3.27
CA SER B 129 -14.47 -29.92 3.00
C SER B 129 -13.26 -29.21 3.58
N HIS B 130 -13.13 -27.91 3.31
CA HIS B 130 -11.97 -27.13 3.75
C HIS B 130 -12.03 -26.73 5.22
N ILE B 131 -13.08 -27.09 5.96
CA ILE B 131 -13.11 -26.89 7.40
C ILE B 131 -12.77 -28.18 8.13
N ILE B 132 -13.47 -29.26 7.78
CA ILE B 132 -13.35 -30.51 8.52
C ILE B 132 -11.96 -31.09 8.37
N GLY B 133 -11.51 -31.29 7.13
CA GLY B 133 -10.24 -31.91 6.87
C GLY B 133 -10.36 -33.42 6.79
N TYR B 134 -9.28 -34.06 6.36
CA TYR B 134 -9.29 -35.51 6.22
C TYR B 134 -8.08 -36.13 6.92
N VAL B 135 -8.24 -37.35 7.30
CA VAL B 135 -7.16 -38.19 7.80
C VAL B 135 -6.55 -38.90 6.61
N GLY B 136 -5.22 -39.10 6.64
CA GLY B 136 -4.53 -39.81 5.59
C GLY B 136 -3.59 -40.84 6.18
N LYS B 137 -3.02 -41.67 5.29
CA LYS B 137 -2.04 -42.65 5.76
C LYS B 137 -0.81 -41.92 6.27
N ALA B 138 -0.34 -42.31 7.45
CA ALA B 138 0.72 -41.56 8.13
C ALA B 138 2.05 -41.77 7.42
N ASN B 139 2.53 -40.74 6.72
CA ASN B 139 3.87 -40.79 6.13
C ASN B 139 4.88 -41.21 7.19
N LEU B 140 5.94 -41.88 6.74
CA LEU B 140 6.93 -42.38 7.69
C LEU B 140 7.56 -41.24 8.49
N GLN B 141 7.69 -40.06 7.89
CA GLN B 141 8.14 -38.90 8.65
C GLN B 141 7.22 -38.66 9.85
N ASP B 142 5.91 -38.67 9.61
CA ASP B 142 4.93 -38.48 10.69
C ASP B 142 5.04 -39.59 11.74
N VAL B 143 5.27 -40.82 11.29
CA VAL B 143 5.17 -42.00 12.16
C VAL B 143 6.08 -41.90 13.39
N GLN B 144 7.25 -41.26 13.26
CA GLN B 144 8.19 -41.15 14.38
C GLN B 144 7.99 -39.88 15.18
N GLU B 145 6.87 -39.18 15.00
CA GLU B 145 6.59 -37.96 15.74
C GLU B 145 5.46 -38.13 16.75
N ASN B 146 4.32 -38.72 16.36
CA ASN B 146 3.26 -39.09 17.28
C ASN B 146 3.19 -40.62 17.36
N GLU B 147 3.20 -41.13 18.58
CA GLU B 147 3.21 -42.58 18.78
C GLU B 147 1.90 -43.21 18.32
N ILE B 148 0.78 -42.50 18.49
CA ILE B 148 -0.53 -43.04 18.13
C ILE B 148 -0.67 -43.15 16.61
N ALA B 149 0.06 -42.31 15.86
CA ALA B 149 0.06 -42.43 14.40
C ALA B 149 0.78 -43.69 13.96
N LYS B 150 1.96 -43.96 14.55
CA LYS B 150 2.69 -45.18 14.25
C LYS B 150 1.85 -46.41 14.61
N LEU B 151 1.19 -46.38 15.78
CA LEU B 151 0.39 -47.52 16.20
C LEU B 151 -0.85 -47.68 15.33
N SER B 152 -1.35 -46.59 14.74
CA SER B 152 -2.59 -46.63 13.97
C SER B 152 -2.40 -46.48 12.46
N ASN B 153 -1.26 -45.94 12.02
CA ASN B 153 -0.94 -45.74 10.61
C ASN B 153 -1.78 -44.64 9.96
N TYR B 154 -2.38 -43.75 10.74
CA TYR B 154 -3.24 -42.70 10.20
C TYR B 154 -3.10 -41.43 11.03
N THR B 155 -2.97 -40.30 10.37
CA THR B 155 -2.95 -39.03 11.08
C THR B 155 -3.72 -37.98 10.30
N GLY B 156 -4.19 -36.96 11.02
CA GLY B 156 -4.95 -35.89 10.39
C GLY B 156 -4.09 -35.01 9.52
N LYS B 157 -4.59 -34.71 8.33
CA LYS B 157 -3.83 -34.05 7.28
C LYS B 157 -4.23 -32.60 7.05
N SER B 158 -5.51 -32.29 7.16
CA SER B 158 -6.00 -30.93 6.91
C SER B 158 -7.10 -30.57 7.88
N GLY B 159 -7.46 -29.29 7.85
CA GLY B 159 -8.66 -28.81 8.51
C GLY B 159 -8.67 -29.05 9.99
N ILE B 160 -9.87 -29.28 10.53
CA ILE B 160 -10.01 -29.64 11.94
C ILE B 160 -9.25 -30.92 12.24
N GLU B 161 -9.42 -31.95 11.39
CA GLU B 161 -8.71 -33.22 11.57
C GLU B 161 -7.25 -32.98 11.92
N ARG B 162 -6.58 -32.11 11.16
CA ARG B 162 -5.19 -31.83 11.46
C ARG B 162 -5.04 -31.02 12.74
N TYR B 163 -5.83 -29.95 12.88
CA TYR B 163 -5.59 -28.95 13.91
C TYR B 163 -5.86 -29.53 15.29
N TYR B 164 -6.90 -30.35 15.42
CA TYR B 164 -7.24 -31.01 16.67
C TYR B 164 -6.91 -32.49 16.62
N ASN B 165 -5.99 -32.87 15.73
CA ASN B 165 -5.45 -34.22 15.74
C ASN B 165 -5.01 -34.60 17.14
N ASP B 166 -4.25 -33.72 17.78
CA ASP B 166 -3.80 -33.92 19.16
C ASP B 166 -4.94 -34.40 20.05
N ILE B 167 -6.14 -33.83 19.86
CA ILE B 167 -7.30 -34.22 20.66
C ILE B 167 -8.03 -35.39 20.02
N LEU B 168 -8.23 -35.35 18.71
CA LEU B 168 -8.89 -36.47 18.06
C LEU B 168 -8.06 -37.75 18.05
N GLN B 169 -6.74 -37.65 18.27
CA GLN B 169 -5.87 -38.82 18.21
C GLN B 169 -6.20 -39.84 19.28
N GLY B 170 -6.57 -39.37 20.47
CA GLY B 170 -6.90 -40.22 21.59
C GLY B 170 -5.72 -40.43 22.52
N GLU B 171 -5.98 -41.17 23.59
CA GLU B 171 -4.96 -41.56 24.55
C GLU B 171 -4.67 -43.06 24.37
N LYS B 172 -3.42 -43.47 24.66
CA LYS B 172 -3.03 -44.87 24.44
C LYS B 172 -3.59 -45.79 25.51
N GLY B 173 -3.74 -47.06 25.15
CA GLY B 173 -4.19 -48.08 26.09
C GLY B 173 -3.15 -49.16 26.31
N THR B 174 -3.23 -49.87 27.43
CA THR B 174 -2.18 -50.81 27.84
C THR B 174 -2.79 -52.15 28.26
N ARG B 175 -2.53 -53.19 27.46
CA ARG B 175 -2.66 -54.57 27.92
C ARG B 175 -1.33 -55.03 28.47
N VAL B 176 -1.37 -55.76 29.56
CA VAL B 176 -0.18 -56.35 30.15
C VAL B 176 -0.46 -57.85 30.28
N TYR B 177 0.37 -58.68 29.63
CA TYR B 177 0.20 -60.13 29.64
C TYR B 177 1.53 -60.82 29.89
N LYS B 178 1.44 -62.15 30.05
CA LYS B 178 2.59 -63.02 30.30
C LYS B 178 2.74 -64.05 29.18
N VAL B 179 3.95 -64.19 28.65
CA VAL B 179 4.26 -65.22 27.67
C VAL B 179 4.94 -66.40 28.36
N ASN B 180 4.92 -67.56 27.70
CA ASN B 180 5.61 -68.73 28.19
C ASN B 180 7.08 -68.67 27.74
N ALA B 181 7.75 -69.82 27.66
CA ALA B 181 9.13 -69.86 27.18
C ALA B 181 9.22 -70.03 25.68
N LEU B 182 8.16 -70.57 25.05
CA LEU B 182 8.03 -70.61 23.62
C LEU B 182 7.34 -69.35 23.08
N ASN B 183 7.17 -68.33 23.95
CA ASN B 183 6.78 -66.98 23.56
C ASN B 183 5.32 -66.92 23.12
N GLN B 184 4.47 -67.69 23.80
CA GLN B 184 3.05 -67.74 23.51
C GLN B 184 2.30 -67.06 24.65
N GLU B 185 1.21 -66.35 24.31
CA GLU B 185 0.44 -65.65 25.33
C GLU B 185 -0.24 -66.66 26.25
N VAL B 186 0.19 -66.69 27.50
CA VAL B 186 -0.32 -67.70 28.43
C VAL B 186 -1.46 -67.14 29.28
N GLU B 187 -1.37 -65.86 29.69
CA GLU B 187 -2.45 -65.24 30.43
C GLU B 187 -2.34 -63.73 30.37
N GLN B 188 -3.50 -63.07 30.27
CA GLN B 188 -3.59 -61.62 30.24
C GLN B 188 -3.84 -61.09 31.66
N LEU B 189 -3.19 -59.98 32.00
CA LEU B 189 -3.26 -59.44 33.35
C LEU B 189 -4.14 -58.20 33.45
N SER B 190 -3.51 -57.04 33.62
CA SER B 190 -4.24 -55.78 33.62
C SER B 190 -4.49 -55.35 32.18
N TYR B 191 -5.37 -54.35 32.05
CA TYR B 191 -5.77 -53.83 30.75
C TYR B 191 -6.52 -52.52 30.94
N THR B 192 -5.79 -51.41 30.88
CA THR B 192 -6.42 -50.10 30.94
C THR B 192 -6.69 -49.62 29.52
N PRO B 193 -7.94 -49.62 29.05
CA PRO B 193 -8.21 -49.28 27.65
C PRO B 193 -7.88 -47.86 27.24
N ALA B 194 -8.02 -47.59 25.95
CA ALA B 194 -7.71 -46.30 25.36
C ALA B 194 -9.02 -45.58 25.07
N MET B 195 -9.05 -44.26 25.32
CA MET B 195 -10.29 -43.49 25.30
C MET B 195 -10.31 -42.55 24.09
N SER B 196 -11.38 -42.64 23.31
CA SER B 196 -11.60 -41.72 22.21
C SER B 196 -12.21 -40.43 22.74
N ASN B 197 -12.04 -39.35 21.96
CA ASN B 197 -12.53 -38.03 22.34
C ASN B 197 -13.18 -37.39 21.12
N ASP B 198 -14.50 -37.49 21.02
CA ASP B 198 -15.23 -36.81 19.95
C ASP B 198 -15.32 -35.30 20.24
N ILE B 199 -15.27 -34.47 19.19
CA ILE B 199 -15.34 -33.01 19.33
C ILE B 199 -16.53 -32.46 18.55
N GLU B 200 -17.16 -31.42 19.11
CA GLU B 200 -18.26 -30.71 18.46
C GLU B 200 -17.77 -29.39 17.89
N LEU B 201 -18.24 -29.05 16.69
CA LEU B 201 -17.88 -27.81 16.02
C LEU B 201 -18.98 -26.76 16.23
N THR B 202 -18.65 -25.54 15.84
CA THR B 202 -19.70 -24.53 15.84
C THR B 202 -20.56 -24.61 14.59
N ILE B 203 -20.09 -25.26 13.52
CA ILE B 203 -20.78 -25.17 12.23
C ILE B 203 -22.20 -25.74 12.34
N ASP B 204 -23.06 -25.30 11.42
CA ASP B 204 -24.39 -25.88 11.18
C ASP B 204 -24.44 -26.39 9.76
N ILE B 205 -24.79 -27.68 9.59
CA ILE B 205 -24.66 -28.32 8.28
C ILE B 205 -25.77 -27.89 7.32
N GLU B 206 -27.03 -27.79 7.78
CA GLU B 206 -28.08 -27.34 6.87
C GLU B 206 -27.74 -25.99 6.26
N LEU B 207 -27.03 -25.15 7.02
CA LEU B 207 -26.57 -23.85 6.55
C LEU B 207 -25.33 -23.98 5.68
N GLN B 208 -24.40 -24.88 6.04
CA GLN B 208 -23.23 -25.11 5.22
C GLN B 208 -23.59 -25.68 3.87
N SER B 209 -24.74 -26.37 3.79
CA SER B 209 -25.21 -26.92 2.51
C SER B 209 -25.83 -25.82 1.66
N TYR B 210 -26.80 -25.08 2.21
CA TYR B 210 -27.38 -23.97 1.48
C TYR B 210 -26.28 -23.10 0.89
N LEU B 211 -25.41 -22.58 1.76
CA LEU B 211 -24.19 -21.91 1.35
C LEU B 211 -23.57 -22.57 0.13
N THR B 212 -23.48 -23.88 0.13
CA THR B 212 -22.81 -24.55 -0.98
C THR B 212 -23.68 -24.58 -2.23
N SER B 213 -24.98 -24.90 -2.08
CA SER B 213 -25.88 -24.89 -3.23
C SER B 213 -26.08 -23.47 -3.79
N LEU B 214 -25.80 -22.45 -2.98
CA LEU B 214 -25.72 -21.10 -3.53
C LEU B 214 -24.52 -20.96 -4.45
N PHE B 215 -23.36 -21.45 -4.02
CA PHE B 215 -22.11 -21.25 -4.73
C PHE B 215 -21.89 -22.24 -5.87
N GLU B 216 -22.66 -23.32 -5.95
CA GLU B 216 -22.50 -24.28 -7.04
C GLU B 216 -22.43 -23.55 -8.37
N GLY B 217 -21.34 -23.77 -9.11
CA GLY B 217 -21.08 -23.10 -10.36
C GLY B 217 -20.24 -21.85 -10.24
N ASN B 218 -20.09 -21.31 -9.05
CA ASN B 218 -19.30 -20.11 -8.79
C ASN B 218 -18.12 -20.48 -7.90
N ALA B 219 -17.43 -19.46 -7.40
CA ALA B 219 -16.29 -19.70 -6.54
C ALA B 219 -16.04 -18.47 -5.66
N GLY B 220 -15.48 -18.72 -4.49
CA GLY B 220 -15.18 -17.67 -3.51
C GLY B 220 -15.25 -18.22 -2.09
N ALA B 221 -15.68 -17.37 -1.16
CA ALA B 221 -15.74 -17.75 0.24
C ALA B 221 -16.89 -17.04 0.94
N ALA B 222 -17.31 -17.61 2.08
CA ALA B 222 -18.45 -17.07 2.82
C ALA B 222 -18.30 -17.46 4.28
N ILE B 223 -18.41 -16.50 5.17
CA ILE B 223 -18.37 -16.77 6.59
C ILE B 223 -19.60 -16.17 7.25
N ILE B 224 -20.23 -16.97 8.12
CA ILE B 224 -21.32 -16.51 8.96
C ILE B 224 -20.83 -16.71 10.38
N MET B 225 -20.27 -15.67 10.97
CA MET B 225 -19.72 -15.76 12.31
C MET B 225 -20.60 -15.03 13.30
N ASN B 226 -20.58 -15.51 14.53
CA ASN B 226 -21.23 -14.86 15.67
C ASN B 226 -20.32 -13.77 16.20
N VAL B 227 -20.90 -12.63 16.56
CA VAL B 227 -20.06 -11.47 16.89
C VAL B 227 -19.68 -11.44 18.37
N ASN B 228 -20.53 -11.94 19.27
CA ASN B 228 -20.27 -11.77 20.69
C ASN B 228 -19.12 -12.66 21.18
N ASP B 229 -19.15 -13.96 20.85
CA ASP B 229 -18.14 -14.89 21.33
C ASP B 229 -17.16 -15.37 20.25
N GLY B 230 -17.53 -15.30 18.98
CA GLY B 230 -16.64 -15.66 17.89
C GLY B 230 -16.95 -16.99 17.23
N SER B 231 -18.01 -17.69 17.65
CA SER B 231 -18.35 -18.95 17.03
C SER B 231 -18.68 -18.75 15.55
N ILE B 232 -18.31 -19.72 14.72
CA ILE B 232 -18.65 -19.69 13.29
C ILE B 232 -19.86 -20.58 13.04
N LEU B 233 -20.87 -20.03 12.39
CA LEU B 233 -22.07 -20.82 12.10
C LEU B 233 -21.91 -21.57 10.78
N ALA B 234 -21.29 -20.91 9.82
CA ALA B 234 -20.98 -21.50 8.54
C ALA B 234 -19.72 -20.82 8.04
N ALA B 235 -18.92 -21.56 7.27
CA ALA B 235 -17.67 -21.04 6.72
C ALA B 235 -17.31 -21.94 5.56
N GLY B 236 -17.23 -21.37 4.37
CA GLY B 236 -17.03 -22.19 3.19
C GLY B 236 -16.04 -21.57 2.23
N SER B 237 -15.07 -22.34 1.75
CA SER B 237 -14.36 -22.03 0.52
C SER B 237 -14.97 -22.88 -0.59
N PHE B 238 -15.06 -22.29 -1.79
CA PHE B 238 -15.80 -22.91 -2.87
C PHE B 238 -15.04 -22.72 -4.18
N PRO B 239 -14.97 -23.77 -5.02
CA PRO B 239 -15.58 -25.10 -4.89
C PRO B 239 -14.99 -25.94 -3.76
N GLU B 240 -15.74 -26.95 -3.34
CA GLU B 240 -15.28 -27.94 -2.38
C GLU B 240 -15.02 -29.27 -3.10
N TYR B 241 -14.38 -30.20 -2.41
CA TYR B 241 -14.04 -31.50 -2.99
C TYR B 241 -14.51 -32.65 -2.11
N ASP B 242 -14.72 -33.81 -2.73
CA ASP B 242 -15.17 -34.96 -1.95
C ASP B 242 -14.10 -35.33 -0.93
N LEU B 243 -14.48 -35.38 0.34
CA LEU B 243 -13.52 -35.65 1.40
C LEU B 243 -13.11 -37.12 1.48
N ASN B 244 -13.93 -38.03 0.97
CA ASN B 244 -13.64 -39.46 1.19
C ASN B 244 -12.45 -39.98 0.42
N PRO B 245 -12.28 -39.70 -0.89
CA PRO B 245 -11.12 -40.27 -1.61
C PRO B 245 -9.79 -40.09 -0.91
N PHE B 246 -9.59 -38.97 -0.20
CA PHE B 246 -8.30 -38.67 0.38
C PHE B 246 -7.96 -39.56 1.58
N VAL B 247 -8.91 -40.33 2.07
CA VAL B 247 -8.56 -41.30 3.09
C VAL B 247 -7.70 -42.42 2.49
N THR B 248 -8.16 -43.01 1.38
CA THR B 248 -7.38 -44.00 0.65
C THR B 248 -6.32 -43.38 -0.24
N GLY B 249 -6.09 -42.07 -0.15
CA GLY B 249 -5.18 -41.40 -1.05
C GLY B 249 -5.73 -41.24 -2.45
N ILE B 250 -5.56 -40.05 -3.02
CA ILE B 250 -6.01 -39.78 -4.38
C ILE B 250 -4.90 -40.22 -5.33
N SER B 251 -5.30 -40.64 -6.53
CA SER B 251 -4.36 -40.87 -7.60
C SER B 251 -3.93 -39.54 -8.21
N PHE B 252 -2.83 -39.58 -8.94
CA PHE B 252 -2.38 -38.40 -9.67
C PHE B 252 -3.43 -37.95 -10.68
N LYS B 253 -3.92 -38.89 -11.49
CA LYS B 253 -5.00 -38.57 -12.41
C LYS B 253 -6.10 -37.78 -11.71
N ASP B 254 -6.76 -38.41 -10.73
CA ASP B 254 -7.75 -37.74 -9.90
C ASP B 254 -7.35 -36.31 -9.55
N TRP B 255 -6.16 -36.15 -8.98
CA TRP B 255 -5.68 -34.83 -8.61
C TRP B 255 -5.58 -33.90 -9.81
N ASP B 256 -5.14 -34.40 -10.96
CA ASP B 256 -4.95 -33.51 -12.09
C ASP B 256 -6.29 -33.03 -12.63
N GLU B 257 -7.24 -33.96 -12.79
CA GLU B 257 -8.57 -33.55 -13.24
C GLU B 257 -9.20 -32.55 -12.28
N LEU B 258 -9.05 -32.76 -10.96
CA LEU B 258 -9.54 -31.76 -10.01
C LEU B 258 -8.78 -30.44 -10.18
N SER B 259 -7.47 -30.45 -10.09
CA SER B 259 -6.74 -29.18 -10.17
C SER B 259 -6.85 -28.55 -11.55
N ASN B 260 -7.50 -29.23 -12.48
CA ASN B 260 -7.72 -28.66 -13.81
C ASN B 260 -8.57 -27.40 -13.79
N SER B 261 -9.45 -27.25 -12.78
CA SER B 261 -10.32 -26.07 -12.72
C SER B 261 -9.50 -24.80 -12.58
N LEU B 262 -9.99 -23.73 -13.22
CA LEU B 262 -9.55 -22.37 -12.94
C LEU B 262 -10.25 -21.81 -11.69
N ASP B 263 -10.98 -22.67 -10.97
CA ASP B 263 -11.66 -22.34 -9.74
C ASP B 263 -10.85 -22.68 -8.49
N HIS B 264 -9.59 -23.08 -8.66
CA HIS B 264 -8.64 -23.45 -7.61
C HIS B 264 -9.30 -24.19 -6.45
N PRO B 265 -9.81 -25.40 -6.67
CA PRO B 265 -10.59 -26.07 -5.62
C PRO B 265 -9.76 -26.65 -4.51
N PHE B 266 -8.44 -26.63 -4.59
CA PHE B 266 -7.63 -27.14 -3.49
C PHE B 266 -7.24 -26.06 -2.50
N THR B 267 -7.35 -24.78 -2.88
CA THR B 267 -7.10 -23.68 -1.95
C THR B 267 -8.25 -23.52 -0.96
N ASN B 268 -7.92 -23.25 0.29
CA ASN B 268 -8.89 -22.87 1.31
C ASN B 268 -8.91 -21.34 1.33
N LYS B 269 -9.78 -20.76 0.50
CA LYS B 269 -9.72 -19.32 0.30
C LYS B 269 -10.23 -18.54 1.50
N LEU B 270 -10.87 -19.20 2.46
CA LEU B 270 -11.17 -18.53 3.73
C LEU B 270 -9.91 -17.98 4.38
N ILE B 271 -8.81 -18.74 4.36
CA ILE B 271 -7.64 -18.35 5.13
C ILE B 271 -6.35 -18.39 4.31
N ASN B 272 -6.42 -18.88 3.08
CA ASN B 272 -5.25 -18.90 2.21
C ASN B 272 -5.50 -18.15 0.92
N GLY B 273 -6.68 -17.56 0.76
CA GLY B 273 -6.97 -16.76 -0.41
C GLY B 273 -6.42 -15.36 -0.21
N TYR B 274 -5.76 -14.84 -1.22
CA TYR B 274 -5.13 -13.53 -1.16
C TYR B 274 -5.94 -12.58 -2.03
N TYR B 275 -6.62 -11.63 -1.40
CA TYR B 275 -7.40 -10.68 -2.17
C TYR B 275 -7.17 -9.25 -1.69
N PRO B 276 -7.13 -8.30 -2.61
CA PRO B 276 -7.18 -6.90 -2.23
C PRO B 276 -8.49 -6.64 -1.50
N PRO B 277 -8.45 -5.99 -0.33
CA PRO B 277 -9.70 -5.80 0.42
C PRO B 277 -10.60 -4.78 -0.21
N GLY B 278 -10.06 -3.90 -1.05
CA GLY B 278 -10.86 -2.96 -1.79
C GLY B 278 -11.63 -2.04 -0.87
N SER B 279 -12.79 -1.58 -1.36
CA SER B 279 -13.56 -0.52 -0.70
C SER B 279 -14.08 -0.90 0.68
N VAL B 280 -13.90 -2.15 1.16
CA VAL B 280 -14.33 -2.46 2.53
C VAL B 280 -13.36 -1.94 3.58
N VAL B 281 -12.12 -1.59 3.21
CA VAL B 281 -11.25 -0.91 4.17
C VAL B 281 -11.85 0.42 4.64
N LYS B 282 -12.84 0.96 3.93
CA LYS B 282 -13.20 2.37 4.10
C LYS B 282 -13.81 2.65 5.49
N MET B 283 -14.50 1.69 6.09
CA MET B 283 -14.88 1.83 7.49
C MET B 283 -13.67 2.10 8.38
N GLY B 284 -12.58 1.38 8.15
CA GLY B 284 -11.43 1.53 9.02
C GLY B 284 -10.55 2.69 8.64
N VAL B 285 -10.30 2.85 7.32
CA VAL B 285 -9.58 4.01 6.84
C VAL B 285 -10.33 5.29 7.21
N GLY B 286 -11.66 5.22 7.25
CA GLY B 286 -12.43 6.32 7.78
C GLY B 286 -12.14 6.55 9.25
N LEU B 287 -12.21 5.48 10.06
CA LEU B 287 -11.97 5.59 11.48
C LEU B 287 -10.57 6.13 11.78
N SER B 288 -9.64 6.03 10.83
CA SER B 288 -8.30 6.57 11.04
C SER B 288 -8.19 8.02 10.63
N PHE B 289 -9.15 8.50 9.85
CA PHE B 289 -9.25 9.94 9.62
C PHE B 289 -9.72 10.66 10.89
N LEU B 290 -10.70 10.10 11.59
CA LEU B 290 -11.37 10.84 12.66
C LEU B 290 -10.39 11.21 13.77
N ASN B 291 -9.46 10.32 14.12
CA ASN B 291 -8.51 10.66 15.18
C ASN B 291 -7.40 11.60 14.70
N SER B 292 -7.59 12.26 13.57
CA SER B 292 -6.66 13.30 13.18
C SER B 292 -6.82 14.56 14.01
N LYS B 293 -8.00 14.76 14.62
CA LYS B 293 -8.38 16.03 15.26
C LYS B 293 -8.46 17.14 14.22
N ASN B 294 -8.06 16.82 12.99
CA ASN B 294 -8.21 17.67 11.83
C ASN B 294 -9.29 17.16 10.88
N ILE B 295 -9.83 15.97 11.14
CA ILE B 295 -11.00 15.46 10.44
C ILE B 295 -12.07 15.11 11.47
N SER B 296 -13.33 15.37 11.09
CA SER B 296 -14.55 15.12 11.85
C SER B 296 -15.60 14.70 10.84
N PRO B 297 -16.66 14.00 11.26
CA PRO B 297 -17.61 13.47 10.26
C PRO B 297 -18.19 14.58 9.40
N SER B 298 -18.15 15.80 9.95
CA SER B 298 -18.65 16.98 9.26
C SER B 298 -17.91 17.25 7.95
N THR B 299 -16.59 16.98 7.92
CA THR B 299 -15.69 17.38 6.85
C THR B 299 -16.14 16.83 5.50
N GLN B 300 -15.73 17.51 4.43
CA GLN B 300 -16.20 17.12 3.10
C GLN B 300 -15.15 17.44 2.03
N TYR B 301 -15.31 16.78 0.87
CA TYR B 301 -14.46 16.99 -0.29
C TYR B 301 -15.30 16.84 -1.56
N VAL B 302 -14.79 17.41 -2.67
CA VAL B 302 -15.56 17.53 -3.90
C VAL B 302 -15.14 16.45 -4.90
N CYS B 303 -16.12 15.88 -5.59
CA CYS B 303 -15.84 14.86 -6.60
C CYS B 303 -16.17 15.41 -7.97
N ASN B 304 -15.46 16.47 -8.38
CA ASN B 304 -15.69 17.11 -9.67
C ASN B 304 -15.23 16.21 -10.80
N GLY B 321 -19.74 13.78 -11.75
CA GLY B 321 -19.05 13.18 -10.60
C GLY B 321 -19.96 12.67 -9.50
N HIS B 322 -19.42 12.55 -8.27
CA HIS B 322 -20.17 12.25 -7.05
C HIS B 322 -20.64 13.52 -6.33
N GLY B 323 -19.72 14.48 -6.16
CA GLY B 323 -20.06 15.75 -5.58
C GLY B 323 -19.52 15.94 -4.18
N PRO B 324 -20.18 16.80 -3.41
CA PRO B 324 -19.76 17.02 -2.02
C PRO B 324 -20.19 15.84 -1.15
N VAL B 325 -19.22 15.28 -0.44
CA VAL B 325 -19.42 14.08 0.36
C VAL B 325 -18.64 14.22 1.66
N ASP B 326 -19.21 13.70 2.73
CA ASP B 326 -18.53 13.55 4.00
C ASP B 326 -18.25 12.05 4.24
N LEU B 327 -17.75 11.74 5.44
CA LEU B 327 -17.40 10.37 5.75
C LEU B 327 -18.60 9.44 5.61
N LYS B 328 -19.79 9.90 6.00
CA LYS B 328 -20.93 8.99 5.99
C LYS B 328 -21.38 8.71 4.56
N HIS B 329 -21.29 9.70 3.67
CA HIS B 329 -21.84 9.51 2.34
C HIS B 329 -20.86 8.79 1.43
N ALA B 330 -19.57 9.11 1.53
CA ALA B 330 -18.57 8.40 0.75
C ALA B 330 -18.56 6.91 1.07
N ILE B 331 -18.79 6.56 2.34
CA ILE B 331 -19.00 5.16 2.68
C ILE B 331 -20.26 4.61 2.01
N LYS B 332 -21.35 5.37 2.00
CA LYS B 332 -22.60 4.86 1.45
C LYS B 332 -22.50 4.63 -0.06
N TYR B 333 -21.86 5.54 -0.78
CA TYR B 333 -21.81 5.51 -2.24
C TYR B 333 -20.51 4.92 -2.77
N SER B 334 -19.56 4.59 -1.88
CA SER B 334 -18.21 4.15 -2.24
C SER B 334 -17.50 5.20 -3.12
N CYS B 335 -17.47 6.43 -2.63
CA CYS B 335 -16.77 7.52 -3.31
C CYS B 335 -15.28 7.42 -2.99
N ASP B 336 -14.45 7.17 -3.99
CA ASP B 336 -13.03 6.98 -3.71
C ASP B 336 -12.34 8.31 -3.44
N VAL B 337 -12.77 9.38 -4.13
CA VAL B 337 -12.08 10.66 -4.07
C VAL B 337 -12.11 11.23 -2.66
N TYR B 338 -13.21 11.03 -1.95
CA TYR B 338 -13.24 11.43 -0.55
C TYR B 338 -12.04 10.86 0.20
N PHE B 339 -11.69 9.60 -0.06
CA PHE B 339 -10.63 8.96 0.70
C PHE B 339 -9.24 9.29 0.17
N TYR B 340 -9.08 9.46 -1.15
CA TYR B 340 -7.87 10.08 -1.68
C TYR B 340 -7.54 11.36 -0.94
N ASN B 341 -8.49 12.31 -0.95
CA ASN B 341 -8.28 13.60 -0.30
C ASN B 341 -7.98 13.43 1.18
N GLY B 342 -8.71 12.53 1.84
CA GLY B 342 -8.47 12.29 3.25
C GLY B 342 -7.07 11.77 3.52
N SER B 343 -6.64 10.76 2.75
CA SER B 343 -5.39 10.05 3.02
C SER B 343 -4.18 10.99 3.04
N LEU B 344 -4.09 11.89 2.05
CA LEU B 344 -2.97 12.82 2.00
C LEU B 344 -2.93 13.78 3.19
N GLN B 345 -4.08 14.19 3.72
CA GLN B 345 -4.04 15.06 4.90
C GLN B 345 -3.67 14.30 6.15
N VAL B 346 -4.01 13.02 6.22
CA VAL B 346 -3.80 12.24 7.44
C VAL B 346 -2.45 11.55 7.46
N GLY B 347 -2.04 10.96 6.35
CA GLY B 347 -0.76 10.28 6.22
C GLY B 347 -0.89 8.77 6.25
N ILE B 348 0.03 8.09 5.54
CA ILE B 348 -0.02 6.63 5.53
C ILE B 348 0.25 6.07 6.92
N ASP B 349 1.15 6.73 7.67
CA ASP B 349 1.49 6.24 9.00
C ASP B 349 0.24 6.10 9.88
N GLN B 350 -0.60 7.15 9.91
CA GLN B 350 -1.83 7.08 10.69
C GLN B 350 -2.77 6.00 10.15
N ILE B 351 -2.93 5.92 8.82
CA ILE B 351 -3.81 4.93 8.23
C ILE B 351 -3.34 3.52 8.58
N SER B 352 -2.09 3.22 8.23
CA SER B 352 -1.59 1.85 8.40
C SER B 352 -1.69 1.43 9.85
N GLU B 353 -1.35 2.33 10.77
CA GLU B 353 -1.38 1.97 12.18
C GLU B 353 -2.79 1.61 12.62
N THR B 354 -3.79 2.41 12.23
CA THR B 354 -5.15 2.13 12.66
C THR B 354 -5.71 0.91 11.95
N LEU B 355 -5.36 0.73 10.67
CA LEU B 355 -5.72 -0.52 10.02
C LEU B 355 -5.06 -1.72 10.70
N SER B 356 -3.89 -1.52 11.33
CA SER B 356 -3.15 -2.66 11.86
C SER B 356 -3.76 -3.19 13.16
N ARG B 357 -4.43 -2.33 13.93
CA ARG B 357 -5.03 -2.78 15.18
C ARG B 357 -6.39 -3.44 14.93
N ILE B 358 -7.17 -2.90 13.98
CA ILE B 358 -8.56 -3.31 13.76
C ILE B 358 -8.61 -4.70 13.10
N GLY B 359 -7.46 -5.28 12.77
CA GLY B 359 -7.41 -6.68 12.36
C GLY B 359 -6.85 -7.03 10.99
N PHE B 360 -6.00 -6.16 10.44
CA PHE B 360 -5.37 -6.33 9.14
C PHE B 360 -3.89 -6.67 9.29
N GLY B 361 -3.37 -7.45 8.35
CA GLY B 361 -1.96 -7.77 8.39
C GLY B 361 -1.57 -8.72 9.50
N ALA B 362 -2.51 -9.51 10.01
CA ALA B 362 -2.21 -10.38 11.12
C ALA B 362 -3.20 -11.52 11.14
N LYS B 363 -2.77 -12.62 11.74
CA LYS B 363 -3.63 -13.79 11.84
C LYS B 363 -4.88 -13.43 12.65
N THR B 364 -6.02 -13.96 12.22
CA THR B 364 -7.25 -13.78 12.98
C THR B 364 -7.34 -14.68 14.21
N GLY B 365 -6.43 -15.65 14.36
CA GLY B 365 -6.44 -16.54 15.50
C GLY B 365 -7.40 -17.69 15.38
N VAL B 366 -7.93 -17.93 14.18
CA VAL B 366 -8.88 -19.01 13.94
C VAL B 366 -8.17 -20.37 14.09
N ASP B 367 -8.95 -21.38 14.47
CA ASP B 367 -8.41 -22.73 14.71
C ASP B 367 -8.46 -23.56 13.42
N LEU B 368 -7.66 -23.15 12.45
CA LEU B 368 -7.45 -23.92 11.24
C LEU B 368 -5.97 -23.96 10.93
N PRO B 369 -5.50 -24.98 10.21
CA PRO B 369 -4.06 -25.15 10.07
C PRO B 369 -3.49 -24.15 9.08
N SER B 370 -2.45 -23.43 9.52
CA SER B 370 -1.60 -22.62 8.65
C SER B 370 -2.37 -21.46 8.05
N GLU B 371 -2.72 -20.47 8.86
CA GLU B 371 -3.48 -19.29 8.40
C GLU B 371 -2.55 -18.22 7.84
N PHE B 372 -3.00 -17.54 6.77
CA PHE B 372 -2.23 -16.47 6.14
C PHE B 372 -2.51 -15.10 6.79
N VAL B 373 -1.51 -14.22 6.76
CA VAL B 373 -1.65 -12.91 7.39
C VAL B 373 -1.87 -11.79 6.38
N GLY B 374 -1.61 -12.00 5.11
CA GLY B 374 -1.81 -10.95 4.11
C GLY B 374 -0.87 -9.76 4.30
N THR B 375 -1.07 -8.79 3.42
CA THR B 375 -0.15 -7.66 3.29
C THR B 375 -0.86 -6.36 3.65
N LEU B 376 -0.38 -5.70 4.71
CA LEU B 376 -0.77 -4.35 5.10
C LEU B 376 0.23 -3.30 4.60
N PRO B 377 0.00 -2.67 3.44
CA PRO B 377 0.95 -1.68 2.93
C PRO B 377 1.24 -0.60 3.95
N SER B 378 2.45 -0.08 3.87
CA SER B 378 3.08 0.65 4.96
C SER B 378 4.32 1.32 4.36
N LYS B 379 4.67 2.51 4.86
CA LYS B 379 5.89 3.12 4.36
C LYS B 379 7.10 2.25 4.63
N GLU B 380 7.10 1.55 5.78
CA GLU B 380 8.25 0.74 6.19
C GLU B 380 8.21 -0.61 5.49
N TRP B 381 7.03 -1.22 5.42
CA TRP B 381 6.90 -2.49 4.73
C TRP B 381 7.43 -2.39 3.31
N LYS B 382 7.15 -1.31 2.62
CA LYS B 382 7.72 -1.17 1.29
C LYS B 382 9.22 -1.02 1.36
N MET B 383 9.71 -0.30 2.38
CA MET B 383 11.16 -0.20 2.56
C MET B 383 11.76 -1.59 2.76
N GLN B 384 11.22 -2.34 3.71
CA GLN B 384 11.80 -3.62 4.09
C GLN B 384 11.66 -4.63 2.97
N ARG B 385 10.47 -4.75 2.39
CA ARG B 385 10.24 -5.84 1.47
C ARG B 385 10.76 -5.54 0.07
N TYR B 386 10.71 -4.31 -0.39
CA TYR B 386 11.01 -4.05 -1.79
C TYR B 386 12.13 -3.04 -1.97
N ARG B 387 12.69 -2.50 -0.87
CA ARG B 387 13.79 -1.52 -0.96
C ARG B 387 13.38 -0.29 -1.77
N GLN B 388 12.12 0.14 -1.60
CA GLN B 388 11.48 1.09 -2.50
C GLN B 388 10.93 2.29 -1.74
N SER B 389 11.00 3.46 -2.37
CA SER B 389 10.42 4.63 -1.73
C SER B 389 8.91 4.49 -1.66
N TRP B 390 8.32 5.19 -0.69
CA TRP B 390 6.87 5.16 -0.51
C TRP B 390 6.30 6.36 -1.25
N PHE B 391 5.85 6.12 -2.48
CA PHE B 391 5.34 7.18 -3.32
C PHE B 391 3.92 7.56 -2.90
N GLN B 392 3.42 8.65 -3.48
CA GLN B 392 2.17 9.19 -2.98
C GLN B 392 0.96 8.44 -3.52
N GLY B 393 1.08 7.85 -4.71
CA GLY B 393 0.08 6.90 -5.14
C GLY B 393 -0.06 5.74 -4.18
N ASP B 394 1.03 5.39 -3.48
CA ASP B 394 0.96 4.30 -2.54
C ASP B 394 -0.03 4.60 -1.42
N THR B 395 0.13 5.76 -0.76
CA THR B 395 -0.89 6.26 0.17
C THR B 395 -2.29 6.15 -0.46
N LEU B 396 -2.45 6.75 -1.64
CA LEU B 396 -3.77 6.79 -2.28
C LEU B 396 -4.32 5.39 -2.52
N ASN B 397 -3.51 4.51 -3.12
CA ASN B 397 -4.01 3.19 -3.48
C ASN B 397 -4.34 2.37 -2.23
N THR B 398 -3.53 2.50 -1.17
CA THR B 398 -3.82 1.80 0.08
C THR B 398 -5.12 2.29 0.72
N ALA B 399 -5.33 3.62 0.69
CA ALA B 399 -6.51 4.21 1.32
C ALA B 399 -7.83 3.65 0.79
N ILE B 400 -7.83 2.98 -0.36
CA ILE B 400 -9.04 2.43 -0.92
C ILE B 400 -8.96 0.93 -1.10
N GLY B 401 -7.94 0.29 -0.53
CA GLY B 401 -7.85 -1.16 -0.56
C GLY B 401 -7.29 -1.76 -1.82
N GLN B 402 -6.69 -0.98 -2.70
CA GLN B 402 -5.96 -1.56 -3.83
C GLN B 402 -4.47 -1.58 -3.52
N GLY B 403 -3.64 -1.31 -4.54
CA GLY B 403 -2.20 -1.40 -4.38
C GLY B 403 -1.74 -2.75 -3.86
N ASN B 404 -0.77 -2.71 -2.94
CA ASN B 404 -0.19 -3.92 -2.43
C ASN B 404 -1.01 -4.56 -1.31
N PHE B 405 -2.11 -3.93 -0.92
CA PHE B 405 -2.99 -4.47 0.10
C PHE B 405 -3.45 -5.88 -0.26
N LEU B 406 -3.43 -6.78 0.73
CA LEU B 406 -3.95 -8.13 0.57
C LEU B 406 -4.57 -8.61 1.88
N ALA B 407 -5.74 -9.24 1.80
CA ALA B 407 -6.42 -9.71 2.99
C ALA B 407 -7.19 -10.98 2.69
N THR B 408 -7.53 -11.71 3.77
CA THR B 408 -8.23 -12.99 3.71
C THR B 408 -9.65 -12.83 4.26
N PRO B 409 -10.63 -13.45 3.61
CA PRO B 409 -12.02 -13.37 4.08
C PRO B 409 -12.19 -13.52 5.59
N MET B 410 -11.44 -14.42 6.22
CA MET B 410 -11.52 -14.53 7.66
C MET B 410 -11.17 -13.21 8.34
N GLN B 411 -10.20 -12.49 7.80
CA GLN B 411 -9.87 -11.20 8.38
C GLN B 411 -11.05 -10.24 8.28
N ILE B 412 -11.55 -10.03 7.06
CA ILE B 412 -12.67 -9.12 6.83
C ILE B 412 -13.83 -9.45 7.75
N ALA B 413 -14.10 -10.74 7.96
CA ALA B 413 -15.18 -11.17 8.85
C ALA B 413 -14.88 -10.81 10.30
N ARG B 414 -13.62 -10.86 10.72
CA ARG B 414 -13.27 -10.34 12.04
C ARG B 414 -13.45 -8.82 12.08
N TYR B 415 -12.72 -8.12 11.21
CA TYR B 415 -12.75 -6.65 11.18
C TYR B 415 -14.17 -6.09 11.09
N THR B 416 -15.07 -6.77 10.39
CA THR B 416 -16.45 -6.35 10.42
C THR B 416 -17.06 -6.60 11.79
N ALA B 417 -16.90 -7.80 12.34
CA ALA B 417 -17.47 -8.06 13.66
C ALA B 417 -16.81 -7.22 14.75
N GLN B 418 -15.54 -6.82 14.56
CA GLN B 418 -14.93 -5.87 15.48
C GLN B 418 -15.64 -4.52 15.43
N ILE B 419 -16.06 -4.09 14.23
CA ILE B 419 -16.80 -2.85 14.08
C ILE B 419 -18.08 -2.90 14.90
N ALA B 420 -18.87 -3.97 14.70
CA ALA B 420 -20.16 -4.06 15.37
C ALA B 420 -20.00 -4.26 16.87
N LYS B 421 -19.15 -5.21 17.30
CA LYS B 421 -18.99 -5.42 18.74
C LYS B 421 -18.25 -4.25 19.39
N GLY B 422 -17.25 -3.70 18.71
CA GLY B 422 -16.48 -2.64 19.33
C GLY B 422 -15.46 -3.17 20.32
N GLY B 423 -14.78 -4.24 19.96
CA GLY B 423 -13.86 -4.89 20.86
C GLY B 423 -13.40 -6.17 20.21
N GLU B 424 -12.49 -6.83 20.91
CA GLU B 424 -11.81 -8.00 20.35
C GLU B 424 -12.81 -9.10 19.96
N VAL B 425 -12.52 -9.76 18.85
CA VAL B 425 -13.30 -10.89 18.35
C VAL B 425 -12.33 -11.87 17.70
N ILE B 426 -12.41 -13.15 18.06
CA ILE B 426 -11.55 -14.17 17.49
C ILE B 426 -12.36 -15.34 16.97
N PRO B 427 -12.39 -15.60 15.65
CA PRO B 427 -13.20 -16.69 15.11
C PRO B 427 -12.77 -18.05 15.64
N HIS B 428 -13.75 -18.90 15.94
CA HIS B 428 -13.42 -20.24 16.38
C HIS B 428 -14.47 -21.24 15.92
N PHE B 429 -14.02 -22.50 15.75
CA PHE B 429 -14.88 -23.61 15.38
C PHE B 429 -15.10 -24.61 16.50
N LEU B 430 -14.18 -24.69 17.46
CA LEU B 430 -14.21 -25.76 18.45
C LEU B 430 -15.26 -25.43 19.51
N LYS B 431 -16.34 -26.21 19.53
CA LYS B 431 -17.44 -25.93 20.45
C LYS B 431 -17.33 -26.70 21.76
N SER B 432 -16.99 -27.99 21.75
CA SER B 432 -16.91 -28.76 22.98
C SER B 432 -16.11 -30.04 22.75
N ILE B 433 -15.86 -30.76 23.85
CA ILE B 433 -14.99 -31.93 23.92
C ILE B 433 -15.66 -32.99 24.78
N GLU B 434 -15.70 -34.23 24.31
CA GLU B 434 -16.34 -35.32 25.09
C GLU B 434 -15.45 -35.78 26.25
N LYS B 448 -9.14 -10.98 27.49
CA LYS B 448 -9.31 -10.15 26.30
C LYS B 448 -8.31 -8.99 26.28
N LYS B 449 -8.01 -8.50 25.08
CA LYS B 449 -7.13 -7.35 24.89
C LYS B 449 -7.90 -6.24 24.18
N GLU B 450 -7.50 -4.99 24.46
CA GLU B 450 -8.16 -3.86 23.84
C GLU B 450 -7.65 -3.68 22.41
N ILE B 451 -8.55 -3.30 21.50
CA ILE B 451 -8.16 -3.17 20.09
C ILE B 451 -8.51 -1.77 19.59
N PHE B 452 -9.49 -1.13 20.22
CA PHE B 452 -9.91 0.22 19.89
C PHE B 452 -9.51 1.19 21.00
N THR B 453 -9.30 2.46 20.65
CA THR B 453 -9.01 3.48 21.65
C THR B 453 -10.31 4.01 22.26
N LEU B 454 -10.18 4.72 23.39
CA LEU B 454 -11.34 5.39 23.96
C LEU B 454 -11.96 6.33 22.94
N PHE B 455 -11.12 7.13 22.28
CA PHE B 455 -11.54 7.97 21.16
C PHE B 455 -12.27 7.15 20.10
N GLU B 456 -11.58 6.17 19.51
CA GLU B 456 -12.17 5.41 18.41
C GLU B 456 -13.45 4.72 18.84
N LYS B 457 -13.52 4.28 20.09
CA LYS B 457 -14.78 3.70 20.56
C LYS B 457 -15.91 4.71 20.50
N SER B 458 -15.61 6.00 20.64
CA SER B 458 -16.66 7.01 20.51
C SER B 458 -17.01 7.30 19.06
N GLN B 459 -16.09 7.10 18.13
CA GLN B 459 -16.41 7.34 16.73
C GLN B 459 -17.12 6.17 16.09
N LEU B 460 -17.08 5.01 16.73
CA LEU B 460 -17.66 3.81 16.11
C LEU B 460 -19.13 3.95 15.76
N PRO B 461 -20.01 4.55 16.58
CA PRO B 461 -21.42 4.61 16.17
C PRO B 461 -21.62 5.45 14.91
N TYR B 462 -20.75 6.44 14.66
CA TYR B 462 -20.78 7.14 13.37
C TYR B 462 -20.50 6.17 12.23
N ILE B 463 -19.38 5.44 12.30
CA ILE B 463 -19.02 4.51 11.22
C ILE B 463 -20.12 3.47 11.04
N ARG B 464 -20.65 2.95 12.14
CA ARG B 464 -21.74 1.97 12.06
C ARG B 464 -22.93 2.55 11.31
N ASP B 465 -23.36 3.76 11.70
CA ASP B 465 -24.43 4.49 11.01
C ASP B 465 -24.17 4.56 9.51
N ALA B 466 -22.93 4.85 9.11
CA ALA B 466 -22.61 4.90 7.68
C ALA B 466 -22.80 3.55 7.02
N MET B 467 -22.54 2.46 7.74
CA MET B 467 -22.83 1.14 7.19
C MET B 467 -24.32 0.87 7.16
N TYR B 468 -25.11 1.44 8.09
CA TYR B 468 -26.57 1.43 7.97
C TYR B 468 -27.02 1.97 6.63
N ALA B 469 -26.42 3.09 6.21
CA ALA B 469 -26.82 3.75 4.97
C ALA B 469 -26.65 2.84 3.77
N VAL B 470 -25.50 2.16 3.67
CA VAL B 470 -25.20 1.37 2.48
C VAL B 470 -26.29 0.37 2.15
N ALA B 471 -27.10 -0.01 3.15
CA ALA B 471 -28.05 -1.11 3.07
C ALA B 471 -29.49 -0.67 2.86
N ASN B 472 -29.94 0.30 3.66
CA ASN B 472 -31.31 0.80 3.69
C ASN B 472 -31.48 2.01 2.79
N GLU B 473 -30.79 3.11 3.11
CA GLU B 473 -30.93 4.38 2.40
C GLU B 473 -30.81 4.20 0.89
N GLN B 474 -31.58 5.00 0.16
CA GLN B 474 -31.52 4.97 -1.29
C GLN B 474 -30.17 5.49 -1.73
N GLY B 475 -29.51 4.77 -2.64
CA GLY B 475 -28.21 5.12 -3.13
C GLY B 475 -27.08 4.27 -2.58
N GLY B 476 -27.21 3.78 -1.35
CA GLY B 476 -26.19 2.89 -0.80
C GLY B 476 -25.95 1.71 -1.73
N THR B 477 -24.68 1.33 -1.87
CA THR B 477 -24.28 0.45 -2.96
C THR B 477 -24.94 -0.93 -2.88
N SER B 478 -25.40 -1.37 -1.70
CA SER B 478 -26.17 -2.60 -1.59
C SER B 478 -27.64 -2.35 -1.24
N TYR B 479 -28.17 -1.17 -1.56
CA TYR B 479 -29.56 -0.87 -1.23
C TYR B 479 -30.51 -1.81 -1.94
N ARG B 480 -30.34 -1.97 -3.27
CA ARG B 480 -31.19 -2.80 -4.10
C ARG B 480 -31.31 -4.23 -3.59
N TYR B 481 -30.54 -4.61 -2.58
CA TYR B 481 -30.46 -5.99 -2.15
C TYR B 481 -30.91 -6.25 -0.71
N LEU B 482 -30.68 -5.32 0.21
CA LEU B 482 -30.82 -5.64 1.63
C LEU B 482 -31.81 -4.78 2.39
N HIS B 483 -32.40 -3.74 1.77
CA HIS B 483 -33.39 -2.92 2.48
C HIS B 483 -34.72 -3.62 2.65
N ASN B 484 -35.00 -4.65 1.85
CA ASN B 484 -36.29 -5.32 1.82
C ASN B 484 -36.26 -6.62 2.60
N LEU B 485 -35.50 -6.68 3.70
CA LEU B 485 -35.28 -7.93 4.40
C LEU B 485 -35.86 -7.90 5.82
N ASN B 486 -36.21 -9.11 6.31
CA ASN B 486 -36.82 -9.34 7.62
C ASN B 486 -36.06 -8.74 8.79
N VAL B 487 -34.82 -8.31 8.59
CA VAL B 487 -34.00 -7.80 9.68
C VAL B 487 -33.12 -6.71 9.11
N LYS B 488 -32.72 -5.78 9.96
CA LYS B 488 -31.92 -4.64 9.53
C LYS B 488 -30.45 -5.04 9.57
N VAL B 489 -29.78 -4.93 8.43
CA VAL B 489 -28.40 -5.40 8.27
C VAL B 489 -27.57 -4.27 7.64
N ALA B 490 -26.52 -3.84 8.33
CA ALA B 490 -25.54 -2.91 7.78
C ALA B 490 -24.52 -3.63 6.91
N ALA B 491 -23.86 -2.88 6.04
CA ALA B 491 -23.05 -3.54 5.01
C ALA B 491 -21.96 -2.62 4.50
N LYS B 492 -21.10 -3.17 3.63
CA LYS B 492 -20.22 -2.42 2.75
C LYS B 492 -19.81 -3.32 1.59
N THR B 493 -19.70 -2.72 0.41
CA THR B 493 -19.25 -3.43 -0.79
C THR B 493 -17.80 -3.08 -1.11
N GLY B 494 -17.11 -4.05 -1.73
CA GLY B 494 -15.77 -3.80 -2.25
C GLY B 494 -15.58 -4.46 -3.60
N THR B 495 -14.54 -4.02 -4.29
CA THR B 495 -14.09 -4.65 -5.53
C THR B 495 -12.59 -4.89 -5.44
N ALA B 496 -12.19 -6.14 -5.67
CA ALA B 496 -10.81 -6.58 -5.53
C ALA B 496 -10.15 -6.77 -6.89
N GLN B 497 -8.99 -6.14 -7.09
CA GLN B 497 -8.30 -6.21 -8.38
C GLN B 497 -7.78 -7.64 -8.62
N VAL B 498 -7.90 -8.11 -9.87
CA VAL B 498 -7.49 -9.47 -10.23
C VAL B 498 -5.98 -9.52 -10.45
N GLU B 511 -10.21 -18.29 -24.03
CA GLU B 511 -10.78 -17.44 -25.08
C GLU B 511 -11.78 -16.43 -24.50
N LYS B 512 -13.08 -16.68 -24.74
CA LYS B 512 -14.11 -15.90 -24.04
C LYS B 512 -13.96 -16.04 -22.53
N GLN B 513 -13.41 -17.18 -22.08
CA GLN B 513 -13.09 -17.40 -20.67
C GLN B 513 -12.05 -16.41 -20.16
N PHE B 514 -11.52 -15.53 -21.00
CA PHE B 514 -10.58 -14.50 -20.54
C PHE B 514 -11.32 -13.29 -19.98
N GLU B 515 -12.42 -12.89 -20.62
CA GLU B 515 -13.20 -11.77 -20.10
C GLU B 515 -13.63 -12.02 -18.66
N TYR B 516 -14.12 -13.22 -18.37
CA TYR B 516 -14.65 -13.51 -17.05
C TYR B 516 -13.56 -13.66 -16.00
N TYR B 517 -12.39 -14.17 -16.36
CA TYR B 517 -11.35 -14.33 -15.36
C TYR B 517 -10.49 -13.08 -15.22
N THR B 518 -10.80 -12.03 -15.98
CA THR B 518 -10.24 -10.72 -15.76
C THR B 518 -11.25 -9.75 -15.14
N ARG B 519 -12.52 -10.14 -14.99
CA ARG B 519 -13.44 -9.38 -14.16
C ARG B 519 -12.95 -9.35 -12.72
N SER B 520 -13.17 -8.23 -12.04
CA SER B 520 -12.64 -8.12 -10.69
C SER B 520 -13.55 -8.88 -9.72
N HIS B 521 -13.15 -8.92 -8.44
CA HIS B 521 -13.82 -9.73 -7.44
C HIS B 521 -14.82 -8.89 -6.62
N ALA B 522 -15.84 -9.57 -6.11
CA ALA B 522 -16.99 -8.94 -5.47
C ALA B 522 -17.01 -9.22 -3.97
N TRP B 523 -16.60 -8.22 -3.19
CA TRP B 523 -16.71 -8.23 -1.74
C TRP B 523 -18.09 -7.75 -1.28
N LEU B 524 -18.51 -8.26 -0.11
CA LEU B 524 -19.72 -7.76 0.56
C LEU B 524 -19.72 -8.31 1.98
N THR B 525 -19.27 -7.51 2.93
CA THR B 525 -19.35 -7.86 4.34
C THR B 525 -20.57 -7.16 4.94
N SER B 526 -21.11 -7.73 6.02
CA SER B 526 -22.36 -7.26 6.56
C SER B 526 -22.54 -7.80 7.97
N TYR B 527 -23.46 -7.18 8.72
CA TYR B 527 -23.74 -7.61 10.08
C TYR B 527 -25.19 -7.28 10.42
N ALA B 528 -25.66 -7.86 11.54
CA ALA B 528 -27.07 -7.85 11.89
C ALA B 528 -27.31 -8.55 13.22
N PRO B 529 -28.47 -8.34 13.87
CA PRO B 529 -29.47 -7.30 13.63
C PRO B 529 -28.90 -5.92 13.97
N TYR B 530 -29.07 -4.93 13.09
CA TYR B 530 -28.33 -3.66 13.20
C TYR B 530 -28.47 -3.01 14.57
N SER B 531 -29.58 -3.25 15.26
CA SER B 531 -29.85 -2.76 16.60
C SER B 531 -28.90 -3.37 17.64
N LYS B 532 -29.14 -4.63 18.05
CA LYS B 532 -28.25 -5.39 18.93
C LYS B 532 -27.59 -6.49 18.09
N PRO B 533 -26.38 -6.26 17.61
CA PRO B 533 -25.86 -7.12 16.52
C PRO B 533 -25.44 -8.49 17.02
N LYS B 534 -25.78 -9.51 16.23
CA LYS B 534 -25.44 -10.91 16.54
C LYS B 534 -24.42 -11.49 15.56
N TYR B 535 -24.70 -11.42 14.27
CA TYR B 535 -24.03 -12.22 13.27
C TYR B 535 -23.32 -11.33 12.26
N VAL B 536 -22.19 -11.80 11.74
CA VAL B 536 -21.58 -11.20 10.57
C VAL B 536 -21.81 -12.14 9.40
N VAL B 537 -22.02 -11.56 8.23
CA VAL B 537 -22.03 -12.31 6.99
C VAL B 537 -21.04 -11.64 6.07
N THR B 538 -20.03 -12.40 5.65
CA THR B 538 -18.95 -11.94 4.78
C THR B 538 -18.88 -12.90 3.61
N VAL B 539 -18.81 -12.37 2.39
CA VAL B 539 -18.92 -13.18 1.19
C VAL B 539 -17.96 -12.66 0.15
N LEU B 540 -17.30 -13.58 -0.54
CA LEU B 540 -16.44 -13.26 -1.67
C LEU B 540 -16.91 -14.00 -2.91
N LEU B 541 -17.00 -13.29 -4.01
CA LEU B 541 -17.48 -13.82 -5.30
C LEU B 541 -16.33 -13.70 -6.28
N GLU B 542 -15.63 -14.81 -6.53
CA GLU B 542 -14.53 -14.78 -7.48
C GLU B 542 -15.01 -14.22 -8.80
N HIS B 543 -14.34 -13.16 -9.26
CA HIS B 543 -14.61 -12.53 -10.54
C HIS B 543 -16.07 -12.12 -10.70
N GLY B 544 -16.68 -11.65 -9.62
CA GLY B 544 -18.03 -11.10 -9.68
C GLY B 544 -19.13 -12.12 -9.79
N GLY B 545 -18.82 -13.35 -10.20
CA GLY B 545 -19.80 -14.40 -10.21
C GLY B 545 -20.28 -14.75 -11.62
N ARG B 546 -20.45 -16.04 -11.86
CA ARG B 546 -20.89 -16.60 -13.13
C ARG B 546 -22.40 -16.63 -13.25
N ASN B 547 -23.08 -17.25 -12.27
CA ASN B 547 -24.54 -17.40 -12.30
C ASN B 547 -25.22 -16.66 -11.15
N ILE B 548 -24.50 -15.76 -10.47
CA ILE B 548 -25.11 -15.04 -9.36
C ILE B 548 -24.39 -13.73 -9.13
N THR B 549 -25.02 -12.84 -8.36
CA THR B 549 -24.45 -11.59 -7.91
C THR B 549 -24.05 -11.70 -6.44
N SER B 550 -23.06 -10.88 -6.05
CA SER B 550 -22.59 -10.89 -4.67
C SER B 550 -23.73 -10.72 -3.68
N GLY B 551 -24.53 -9.65 -3.85
CA GLY B 551 -25.52 -9.30 -2.85
C GLY B 551 -26.72 -10.24 -2.77
N ALA B 552 -27.20 -10.72 -3.91
CA ALA B 552 -28.28 -11.70 -3.87
C ALA B 552 -27.93 -12.86 -2.96
N THR B 553 -26.64 -13.24 -2.94
CA THR B 553 -26.16 -14.32 -2.06
C THR B 553 -26.29 -13.94 -0.60
N VAL B 554 -25.76 -12.76 -0.24
CA VAL B 554 -25.88 -12.25 1.13
C VAL B 554 -27.33 -12.25 1.57
N ALA B 555 -28.22 -11.84 0.68
CA ALA B 555 -29.65 -11.85 0.97
C ALA B 555 -30.13 -13.22 1.41
N LYS B 556 -29.94 -14.24 0.55
CA LYS B 556 -30.50 -15.56 0.81
C LYS B 556 -29.91 -16.17 2.06
N ILE B 557 -28.62 -15.90 2.32
CA ILE B 557 -27.98 -16.33 3.55
C ILE B 557 -28.80 -15.84 4.75
N TYR B 558 -29.03 -14.54 4.82
CA TYR B 558 -29.86 -13.99 5.88
C TYR B 558 -31.25 -14.58 5.85
N GLN B 559 -31.86 -14.65 4.66
CA GLN B 559 -33.21 -15.18 4.59
C GLN B 559 -33.27 -16.58 5.16
N LYS B 560 -32.36 -17.47 4.72
CA LYS B 560 -32.33 -18.82 5.25
C LYS B 560 -31.89 -18.84 6.70
N MET B 561 -31.01 -17.93 7.12
CA MET B 561 -30.71 -17.81 8.54
C MET B 561 -31.95 -17.44 9.34
N ILE B 562 -32.74 -16.46 8.86
CA ILE B 562 -34.00 -16.16 9.53
C ILE B 562 -34.90 -17.38 9.52
N GLU B 563 -34.99 -18.06 8.37
CA GLU B 563 -35.79 -19.27 8.25
C GLU B 563 -35.37 -20.33 9.26
N LEU B 564 -34.08 -20.42 9.57
CA LEU B 564 -33.61 -21.38 10.57
C LEU B 564 -33.60 -20.79 11.98
N GLY B 565 -34.12 -19.57 12.15
CA GLY B 565 -34.36 -18.98 13.47
C GLY B 565 -33.16 -18.40 14.18
N TYR B 566 -32.05 -18.19 13.48
CA TYR B 566 -30.86 -17.76 14.20
C TYR B 566 -30.97 -16.32 14.69
N PHE B 567 -31.99 -15.58 14.24
CA PHE B 567 -32.26 -14.24 14.73
C PHE B 567 -33.32 -14.22 15.81
N LYS B 568 -34.31 -15.11 15.73
CA LYS B 568 -35.54 -15.10 16.55
C LYS B 568 -35.33 -14.78 18.04
ZN ZN C . 36.67 -5.08 -8.92
ZN ZN D . -16.33 9.92 -5.63
#